data_3OK4
#
_entry.id   3OK4
#
_cell.length_a   34.220
_cell.length_b   34.210
_cell.length_c   170.920
_cell.angle_alpha   90.00
_cell.angle_beta   90.00
_cell.angle_gamma   90.00
#
_symmetry.space_group_name_H-M   'P 21 21 21'
#
loop_
_entity.id
_entity.type
_entity.pdbx_description
1 polymer ANA
2 polymer RNA
3 water water
#
loop_
_entity_poly.entity_id
_entity_poly.type
_entity_poly.pdbx_seq_one_letter_code
_entity_poly.pdbx_strand_id
1 'other' (A6C)(A6C)(A6G)(A6U)(A6A)(A6A)(A6U)(A6G)(A6C)(A6C)(PO4) A,C,E,G,I,K,M,O,Q,S,U,W,Y,1,3
2 'polyribonucleotide' GGCAUUACGG B,D,F,H,J,L,N,P,R,T,V,X,Z,2,4
#
loop_
_chem_comp.id
_chem_comp.type
_chem_comp.name
_chem_comp.formula
A RNA linking ADENOSINE-5'-MONOPHOSPHATE 'C10 H14 N5 O7 P'
A6A RNA linking 2-(6-amino-9H-purin-9-yl)-1,5-anhydro-2-deoxy-6-O-phosphono-D-altritol 'C11 H16 N5 O7 P'
A6C RNA linking 2-(4-amino-2-oxopyrimidin-1(2H)-yl)-1,5-anhydro-2-deoxy-6-O-phosphono-D-altritol 'C10 H16 N3 O8 P'
A6G RNA linking 2-(2-amino-6-oxo-1,6-dihydro-9H-purin-9-yl)-1,5-anhydro-2-deoxy-6-O-phosphono-D-altritol 'C11 H16 N5 O8 P'
A6U RNA linking 1,5-anhydro-2-deoxy-2-(2,4-dioxo-3,4-dihydropyrimidin-1(2H)-yl)-6-O-phosphono-D-altritol 'C10 H15 N2 O9 P'
C RNA linking CYTIDINE-5'-MONOPHOSPHATE 'C9 H14 N3 O8 P'
G RNA linking GUANOSINE-5'-MONOPHOSPHATE 'C10 H14 N5 O8 P'
PO4 non-polymer 'PHOSPHATE ION' 'O4 P -3'
U RNA linking URIDINE-5'-MONOPHOSPHATE 'C9 H13 N2 O9 P'
#
# COMPACT_ATOMS: atom_id res chain seq x y z
N1 A6C A 1 1.42 25.70 -7.54
C2 A6C A 1 1.02 25.65 -6.18
O2 A6C A 1 -0.12 25.95 -5.82
N3 A6C A 1 1.92 25.25 -5.24
C4 A6C A 1 3.15 24.91 -5.60
N4 A6C A 1 3.98 24.53 -4.62
C5 A6C A 1 3.58 24.96 -6.96
C6 A6C A 1 2.69 25.35 -7.87
C1' A6C A 1 0.46 26.13 -8.60
C2' A6C A 1 0.23 27.65 -8.73
O2' A6C A 1 -0.97 27.83 -9.49
C3' A6C A 1 1.35 28.36 -9.47
O3' A6C A 1 1.01 29.69 -9.79
C4' A6C A 1 1.79 27.59 -10.74
O4' A6C A 1 1.98 26.19 -10.50
C5' A6C A 1 3.11 28.12 -11.30
O5' A6C A 1 4.23 27.78 -10.49
C6' A6C A 1 0.80 25.56 -9.96
P A6C A 2 1.58 30.92 -8.93
N1 A6C A 2 -0.24 29.00 -3.88
C2 A6C A 2 -0.03 28.62 -2.54
O2 A6C A 2 -0.95 28.70 -1.72
N3 A6C A 2 1.19 28.17 -2.16
C4 A6C A 2 2.18 28.09 -3.05
N4 A6C A 2 3.38 27.63 -2.66
C5 A6C A 2 1.99 28.47 -4.41
C6 A6C A 2 0.77 28.91 -4.78
C1' A6C A 2 -1.59 29.48 -4.33
C2' A6C A 2 -1.88 31.00 -4.28
O2' A6C A 2 -3.31 31.14 -4.34
C3' A6C A 2 -1.29 31.73 -5.46
O3' A6C A 2 -1.61 33.10 -5.51
C4' A6C A 2 -1.65 31.05 -6.80
O4' A6C A 2 -1.39 29.64 -6.76
C5' A6C A 2 -0.75 31.52 -7.90
O5' A6C A 2 0.56 31.01 -7.70
C6' A6C A 2 -2.04 28.94 -5.68
OP1 A6C A 2 1.48 32.18 -9.72
OP2 A6C A 2 2.91 30.50 -8.43
P A6G A 3 -0.61 34.26 -5.04
N1 A6G A 3 3.54 30.86 2.31
C2 A6G A 3 2.50 31.37 3.04
N2 A6G A 3 2.67 31.46 4.36
N3 A6G A 3 1.35 31.77 2.51
C4 A6G A 3 1.30 31.63 1.17
C5 A6G A 3 2.31 31.12 0.36
C6 A6G A 3 3.52 30.68 0.93
O6 A6G A 3 4.52 30.20 0.37
N7 A6G A 3 1.89 31.12 -0.97
C8 A6G A 3 0.68 31.62 -0.94
N9 A6G A 3 0.26 31.96 0.32
C1' A6G A 3 -1.05 32.51 0.66
C2' A6G A 3 -1.00 34.06 0.76
O2' A6G A 3 -2.12 34.49 1.56
C3' A6G A 3 -1.05 34.75 -0.57
O3' A6G A 3 -1.22 36.13 -0.39
C4' A6G A 3 -2.19 34.20 -1.46
O4' A6G A 3 -2.11 32.78 -1.54
C5' A6G A 3 -2.09 34.66 -2.89
O5' A6G A 3 -0.88 34.22 -3.46
C6' A6G A 3 -2.17 32.12 -0.28
OP1 A6G A 3 -1.07 35.57 -5.56
OP2 A6G A 3 0.78 33.81 -5.23
P A6U A 4 -0.09 37.26 -0.60
N1 A6U A 4 2.96 34.75 3.47
C2 A6U A 4 4.13 34.27 3.98
O2 A6U A 4 4.38 34.25 5.18
N3 A6U A 4 5.02 33.81 3.03
C4 A6U A 4 4.83 33.79 1.66
O4 A6U A 4 5.70 33.35 0.92
C5 A6U A 4 3.57 34.32 1.21
C6 A6U A 4 2.70 34.78 2.11
C1' A6U A 4 1.95 35.27 4.43
C2' A6U A 4 2.21 36.75 4.75
O2' A6U A 4 1.47 37.05 5.93
C3' A6U A 4 1.74 37.68 3.65
O3' A6U A 4 1.82 39.04 4.07
C4' A6U A 4 0.30 37.35 3.20
O4' A6U A 4 0.18 35.96 2.89
C5' A6U A 4 -0.05 38.08 1.92
O5' A6U A 4 0.61 37.43 0.83
C6' A6U A 4 0.51 35.09 3.98
OP1 A6U A 4 -0.83 38.51 -0.91
OP2 A6U A 4 0.90 36.74 -1.55
P A6A A 5 2.95 40.10 3.62
N1 A6A A 5 10.25 35.27 3.48
C2 A6A A 5 10.30 35.39 4.82
N3 A6A A 5 9.37 35.81 5.65
C4 A6A A 5 8.24 36.14 4.98
C5 A6A A 5 8.04 36.07 3.61
C6 A6A A 5 9.11 35.61 2.83
N6 A6A A 5 9.04 35.49 1.50
N7 A6A A 5 6.76 36.50 3.29
C8 A6A A 5 6.23 36.81 4.44
N9 A6A A 5 7.08 36.61 5.50
C1' A6A A 5 6.78 36.87 6.91
C2' A6A A 5 7.27 38.30 7.19
O2' A6A A 5 7.42 38.50 8.60
C3' A6A A 5 6.33 39.37 6.66
O3' A6A A 5 6.62 40.63 7.22
C4' A6A A 5 4.84 39.06 6.91
O4' A6A A 5 4.53 37.72 6.55
C5' A6A A 5 3.90 39.95 6.09
O5' A6A A 5 4.12 39.86 4.70
C6' A6A A 5 5.32 36.75 7.28
OP1 A6A A 5 2.38 41.44 3.83
OP2 A6A A 5 3.43 39.72 2.29
P A6A A 6 7.48 41.73 6.46
N1 A6A A 6 13.63 37.05 1.98
C2 A6A A 6 14.34 36.95 3.11
N3 A6A A 6 13.99 37.34 4.35
C4 A6A A 6 12.75 37.89 4.38
C5 A6A A 6 11.92 38.06 3.29
C6 A6A A 6 12.39 37.60 2.04
N6 A6A A 6 11.69 37.71 0.90
N7 A6A A 6 10.74 38.65 3.67
C8 A6A A 6 10.87 38.84 4.97
N9 A6A A 6 12.06 38.40 5.47
C1' A6A A 6 12.50 38.46 6.88
C2' A6A A 6 13.01 39.85 7.22
O2' A6A A 6 13.72 39.78 8.46
C3' A6A A 6 11.88 40.84 7.39
O3' A6A A 6 12.35 42.02 7.93
C4' A6A A 6 10.72 40.34 8.28
O4' A6A A 6 10.33 39.03 7.87
C5' A6A A 6 9.48 41.23 8.17
O5' A6A A 6 9.01 41.38 6.84
C6' A6A A 6 11.40 38.08 7.86
OP1 A6A A 6 7.14 43.05 6.98
OP2 A6A A 6 7.41 41.51 4.99
P A6U A 7 12.74 43.25 6.98
N1 A6U A 7 16.08 40.48 3.53
C2 A6U A 7 16.39 40.04 2.25
O2 A6U A 7 17.48 39.63 1.92
N3 A6U A 7 15.33 40.10 1.37
C4 A6U A 7 14.06 40.56 1.64
O4 A6U A 7 13.22 40.57 0.75
C5 A6U A 7 13.82 41.01 2.97
C6 A6U A 7 14.83 40.95 3.84
C1' A6U A 7 17.14 40.47 4.57
C2' A6U A 7 17.87 41.84 4.59
O2' A6U A 7 19.12 41.60 5.24
C3' A6U A 7 17.12 42.94 5.29
O3' A6U A 7 17.91 44.09 5.49
C4' A6U A 7 16.46 42.45 6.61
O4' A6U A 7 15.81 41.18 6.48
C5' A6U A 7 15.33 43.36 7.05
O5' A6U A 7 14.16 42.94 6.37
C6' A6U A 7 16.64 40.14 5.96
OP1 A6U A 7 12.89 44.42 7.87
OP2 A6U A 7 11.73 43.36 5.90
P A6G A 8 18.06 45.29 4.42
N1 A6G A 8 16.97 42.14 -3.84
C2 A6G A 8 18.31 41.79 -3.88
N2 A6G A 8 18.78 41.50 -5.08
N3 A6G A 8 19.11 41.77 -2.81
C4 A6G A 8 18.45 42.11 -1.68
C5 A6G A 8 17.13 42.44 -1.55
C6 A6G A 8 16.29 42.48 -2.67
O6 A6G A 8 15.09 42.77 -2.73
N7 A6G A 8 16.82 42.74 -0.24
C8 A6G A 8 17.94 42.56 0.41
N9 A6G A 8 18.97 42.18 -0.41
C1' A6G A 8 20.34 41.92 -0.02
C2' A6G A 8 21.09 43.26 -0.11
O2' A6G A 8 22.49 42.96 -0.14
C3' A6G A 8 20.81 44.20 1.03
O3' A6G A 8 21.69 45.31 1.00
C4' A6G A 8 20.88 43.50 2.41
O4' A6G A 8 20.11 42.30 2.40
C5' A6G A 8 20.28 44.36 3.51
O5' A6G A 8 18.91 44.61 3.27
C6' A6G A 8 20.50 41.35 1.38
OP1 A6G A 8 18.83 46.36 5.06
OP2 A6G A 8 16.68 45.60 3.94
P A6C A 9 21.33 46.79 0.49
N1 A6C A 9 19.32 44.99 -4.64
C2 A6C A 9 18.35 45.11 -5.63
O2 A6C A 9 18.71 45.02 -6.82
N3 A6C A 9 17.05 45.30 -5.29
C4 A6C A 9 16.70 45.41 -4.01
N4 A6C A 9 15.40 45.64 -3.73
C5 A6C A 9 17.69 45.32 -2.98
C6 A6C A 9 18.96 45.10 -3.33
C1' A6C A 9 20.73 44.76 -5.05
C2' A6C A 9 21.49 46.05 -5.37
O2' A6C A 9 22.63 45.69 -6.16
C3' A6C A 9 21.94 46.75 -4.10
O3' A6C A 9 22.72 47.87 -4.43
C4' A6C A 9 22.67 45.82 -3.11
O4' A6C A 9 21.87 44.64 -2.91
C5' A6C A 9 22.82 46.43 -1.71
O5' A6C A 9 21.55 46.67 -1.09
C6' A6C A 9 21.56 43.91 -4.10
OP1 A6C A 9 22.38 47.69 1.04
OP2 A6C A 9 19.91 47.13 0.62
P A6C A 10 22.20 49.38 -4.44
N1 A6C A 10 18.28 48.44 -8.36
C2 A6C A 10 16.96 48.29 -8.84
O2 A6C A 10 16.74 48.19 -10.04
N3 A6C A 10 15.95 48.26 -7.95
C4 A6C A 10 16.21 48.39 -6.66
N4 A6C A 10 15.21 48.35 -5.79
C5 A6C A 10 17.54 48.52 -6.16
C6 A6C A 10 18.55 48.56 -7.02
C1' A6C A 10 19.40 48.47 -9.39
C2' A6C A 10 19.90 49.89 -9.71
O2' A6C A 10 20.70 49.85 -10.90
C3' A6C A 10 20.78 50.41 -8.60
O3' A6C A 10 21.36 51.62 -8.97
C4' A6C A 10 21.94 49.47 -8.28
O4' A6C A 10 21.45 48.15 -8.05
C5' A6C A 10 22.60 49.88 -6.99
O5' A6C A 10 21.69 49.67 -5.92
C6' A6C A 10 20.61 47.62 -9.08
OP1 A6C A 10 23.41 50.17 -4.17
OP2 A6C A 10 21.03 49.49 -3.57
P PO4 A 11 20.58 53.00 -8.85
O1 PO4 A 11 19.49 52.84 -10.02
O2 PO4 A 11 21.60 54.03 -9.20
O3 PO4 A 11 19.88 52.93 -7.59
N1 A6C B 1 15.26 51.81 -10.16
C2 A6C B 1 13.89 51.82 -9.87
O2 A6C B 1 13.06 51.93 -10.81
N3 A6C B 1 13.48 51.72 -8.57
C4 A6C B 1 14.39 51.60 -7.59
N4 A6C B 1 13.94 51.50 -6.33
C5 A6C B 1 15.79 51.59 -7.88
C6 A6C B 1 16.18 51.70 -9.15
C1' A6C B 1 15.73 51.91 -11.55
C2' A6C B 1 15.94 53.37 -11.97
O2' A6C B 1 16.01 53.47 -13.40
C3' A6C B 1 17.20 53.95 -11.38
O3' A6C B 1 17.44 55.16 -11.98
C4' A6C B 1 18.43 53.03 -11.54
O4' A6C B 1 18.13 51.70 -11.16
C5' A6C B 1 19.61 53.41 -10.68
O5' A6C B 1 19.50 52.96 -9.32
C6' A6C B 1 17.00 51.12 -11.77
P A6C B 2 16.86 56.44 -11.27
N1 A6C B 2 11.53 55.25 -10.57
C2 A6C B 2 10.48 55.40 -9.66
O2 A6C B 2 9.36 55.70 -10.06
N3 A6C B 2 10.70 55.20 -8.34
C4 A6C B 2 11.95 54.90 -7.95
N4 A6C B 2 12.12 54.71 -6.63
C5 A6C B 2 13.05 54.76 -8.84
C6 A6C B 2 12.79 54.94 -10.14
C1' A6C B 2 11.24 55.45 -12.01
C2' A6C B 2 11.28 56.91 -12.45
O2' A6C B 2 10.59 56.99 -13.71
C3' A6C B 2 12.71 57.36 -12.59
O3' A6C B 2 12.79 58.66 -13.15
C4' A6C B 2 13.59 56.35 -13.40
O4' A6C B 2 13.39 54.97 -13.01
C5' A6C B 2 15.06 56.62 -13.23
O5' A6C B 2 15.38 56.64 -11.85
C6' A6C B 2 12.02 54.57 -12.97
OP1 A6C B 2 17.67 57.61 -11.67
OP2 A6C B 2 16.62 56.13 -9.83
P A6G B 3 13.09 59.99 -12.30
N1 A6G B 3 8.30 58.60 -5.20
C2 A6G B 3 7.16 58.97 -5.90
N2 A6G B 3 6.02 59.15 -5.22
N3 A6G B 3 7.12 59.18 -7.21
C4 A6G B 3 8.35 58.98 -7.75
C5 A6G B 3 9.52 58.60 -7.15
C6 A6G B 3 9.55 58.35 -5.75
O6 A6G B 3 10.53 58.00 -5.04
N7 A6G B 3 10.53 58.49 -8.09
C8 A6G B 3 9.98 58.82 -9.21
N9 A6G B 3 8.63 59.11 -9.09
C1' A6G B 3 7.69 59.55 -10.11
C2' A6G B 3 7.76 61.10 -10.20
O2' A6G B 3 6.71 61.64 -11.01
C3' A6G B 3 9.03 61.54 -10.88
O3' A6G B 3 8.93 62.91 -11.17
C4' A6G B 3 9.30 60.80 -12.20
O4' A6G B 3 9.16 59.39 -12.04
C5' A6G B 3 10.72 61.01 -12.69
O5' A6G B 3 11.64 60.47 -11.77
C6' A6G B 3 7.90 58.98 -11.50
OP1 A6G B 3 13.74 61.00 -13.20
OP2 A6G B 3 13.82 59.61 -11.07
P A6U B 4 9.48 64.00 -10.18
N1 A6U B 4 7.37 62.35 -5.35
C2 A6U B 4 7.64 62.17 -4.00
O2 A6U B 4 6.79 62.36 -3.11
N3 A6U B 4 8.94 61.76 -3.76
C4 A6U B 4 9.96 61.53 -4.69
O4 A6U B 4 11.08 61.19 -4.32
C5 A6U B 4 9.58 61.75 -6.06
C6 A6U B 4 8.33 62.14 -6.33
C1' A6U B 4 6.01 62.77 -5.75
C2' A6U B 4 5.85 64.29 -5.73
O2' A6U B 4 4.44 64.57 -5.76
C3' A6U B 4 6.56 64.90 -6.91
O3' A6U B 4 6.36 66.29 -7.02
C4' A6U B 4 6.11 64.27 -8.25
O4' A6U B 4 6.25 62.86 -8.20
C5' A6U B 4 6.99 64.66 -9.41
O5' A6U B 4 8.33 64.37 -9.10
C6' A6U B 4 5.55 62.25 -7.10
OP1 A6U B 4 9.76 65.17 -11.02
OP2 A6U B 4 10.60 63.38 -9.48
P A6A B 5 7.20 67.48 -6.36
N1 A6A B 5 10.74 64.14 1.13
C2 A6A B 5 9.60 64.58 1.71
N3 A6A B 5 8.49 64.98 1.12
C4 A6A B 5 8.60 64.96 -0.21
C5 A6A B 5 9.70 64.58 -0.94
C6 A6A B 5 10.83 64.15 -0.22
N6 A6A B 5 11.97 63.71 -0.77
N7 A6A B 5 9.40 64.69 -2.29
C8 A6A B 5 8.18 65.16 -2.35
N9 A6A B 5 7.64 65.33 -1.13
C1' A6A B 5 6.30 65.81 -0.74
C2' A6A B 5 6.29 67.34 -0.60
O2' A6A B 5 5.04 67.64 0.05
C3' A6A B 5 6.42 68.00 -1.97
O3' A6A B 5 6.24 69.40 -1.87
C4' A6A B 5 5.31 67.45 -2.91
O4' A6A B 5 5.29 66.01 -2.96
C5' A6A B 5 5.50 67.85 -4.36
O5' A6A B 5 6.82 67.58 -4.80
C6' A6A B 5 5.20 65.35 -1.69
OP1 A6A B 5 6.66 68.65 -7.08
OP2 A6A B 5 8.65 67.36 -6.49
P A6A B 6 7.34 70.60 -1.76
N1 A6A B 6 13.71 66.54 2.32
C2 A6A B 6 13.08 66.83 3.46
N3 A6A B 6 11.89 67.38 3.62
C4 A6A B 6 11.31 67.61 2.41
C5 A6A B 6 11.82 67.34 1.16
C6 A6A B 6 13.12 66.77 1.13
N6 A6A B 6 13.80 66.46 0.00
N7 A6A B 6 10.92 67.74 0.19
C8 A6A B 6 9.89 68.20 0.84
N9 A6A B 6 10.05 68.15 2.21
C1' A6A B 6 9.12 68.60 3.28
C2' A6A B 6 9.34 70.10 3.56
O2' A6A B 6 8.56 70.50 4.69
C3' A6A B 6 8.89 70.93 2.37
O3' A6A B 6 8.99 72.32 2.66
C4' A6A B 6 7.41 70.59 2.06
O4' A6A B 6 7.22 69.19 1.88
C5' A6A B 6 6.91 71.17 0.77
O5' A6A B 6 7.75 70.63 -0.24
C6' A6A B 6 7.67 68.35 2.94
OP1 A6A B 6 6.55 71.80 -2.15
OP2 A6A B 6 8.62 70.18 -2.42
P A6U B 7 10.23 73.32 2.45
N1 A6U B 7 14.49 70.02 3.95
C2 A6U B 7 15.75 69.56 3.63
O2 A6U B 7 16.63 69.37 4.47
N3 A6U B 7 15.95 69.34 2.27
C4 A6U B 7 15.03 69.53 1.26
O4 A6U B 7 15.32 69.31 0.09
C5 A6U B 7 13.75 70.01 1.68
C6 A6U B 7 13.52 70.23 2.98
C1' A6U B 7 14.18 70.26 5.38
C2' A6U B 7 14.56 71.68 5.82
O2' A6U B 7 14.54 71.70 7.25
C3' A6U B 7 13.56 72.66 5.26
O3' A6U B 7 13.81 73.94 5.74
C4' A6U B 7 12.13 72.34 5.71
O4' A6U B 7 11.78 71.01 5.40
C5' A6U B 7 11.11 73.14 4.92
O5' A6U B 7 11.35 72.95 3.54
C6' A6U B 7 12.73 69.99 5.75
OP1 A6U B 7 9.67 74.64 2.74
OP2 A6U B 7 10.84 73.07 1.16
P A6G B 8 14.87 74.89 5.01
N1 A6G B 8 21.24 70.57 1.02
C2 A6G B 8 21.92 70.58 2.22
N2 A6G B 8 23.19 70.14 2.23
N3 A6G B 8 21.35 70.99 3.35
C4 A6G B 8 20.08 71.39 3.16
C5 A6G B 8 19.33 71.43 2.01
C6 A6G B 8 19.93 71.00 0.81
O6 A6G B 8 19.36 70.97 -0.28
N7 A6G B 8 18.06 71.94 2.25
C8 A6G B 8 18.06 72.17 3.54
N9 A6G B 8 19.27 71.87 4.15
C1' A6G B 8 19.68 71.97 5.54
C2' A6G B 8 20.26 73.35 5.83
O2' A6G B 8 20.90 73.16 7.09
C3' A6G B 8 19.14 74.37 5.97
O3' A6G B 8 19.66 75.59 6.45
C4' A6G B 8 18.05 73.95 6.97
O4' A6G B 8 17.56 72.67 6.59
C5' A6G B 8 16.84 74.84 6.81
O5' A6G B 8 16.31 74.51 5.55
C6' A6G B 8 18.59 71.67 6.55
OP1 A6G B 8 14.55 76.26 5.49
OP2 A6G B 8 14.88 74.66 3.56
P A6C B 9 19.94 76.88 5.58
N1 A6C B 9 23.29 73.94 2.42
C2 A6C B 9 23.64 73.60 1.11
O2 A6C B 9 24.85 73.37 0.92
N3 A6C B 9 22.69 73.52 0.15
C4 A6C B 9 21.43 73.78 0.44
N4 A6C B 9 20.51 73.69 -0.53
C5 A6C B 9 21.04 74.13 1.75
C6 A6C B 9 22.00 74.21 2.69
C1' A6C B 9 24.37 74.02 3.44
C2' A6C B 9 25.07 75.38 3.51
O2' A6C B 9 26.22 75.24 4.34
C3' A6C B 9 24.16 76.41 4.11
O3' A6C B 9 24.87 77.58 4.30
C4' A6C B 9 23.61 75.97 5.47
O4' A6C B 9 23.09 74.64 5.42
C5' A6C B 9 22.47 76.85 5.93
O5' A6C B 9 21.42 76.81 4.99
C6' A6C B 9 23.94 73.64 4.83
OP1 A6C B 9 19.78 78.07 6.44
OP2 A6C B 9 19.06 76.82 4.38
P A6C B 10 24.82 78.70 3.19
N1 A6C B 10 25.93 76.02 -1.44
C2 A6C B 10 25.55 75.83 -2.79
O2 A6C B 10 26.40 75.51 -3.63
N3 A6C B 10 24.29 76.04 -3.16
C4 A6C B 10 23.37 76.38 -2.25
N4 A6C B 10 22.11 76.57 -2.66
C5 A6C B 10 23.72 76.58 -0.88
C6 A6C B 10 25.00 76.40 -0.50
C1' A6C B 10 27.35 75.79 -1.10
C2' A6C B 10 28.20 77.05 -1.21
O2' A6C B 10 29.57 76.64 -1.14
C3' A6C B 10 27.91 77.94 -0.04
O3' A6C B 10 28.84 78.92 -0.03
C4' A6C B 10 27.98 77.28 1.33
O4' A6C B 10 27.19 76.09 1.30
C5' A6C B 10 27.30 78.13 2.40
O5' A6C B 10 25.92 78.30 2.09
C6' A6C B 10 27.59 75.18 0.27
OP1 A6C B 10 25.32 79.88 3.93
OP2 A6C B 10 23.49 78.77 2.58
P PO4 B 11 28.46 80.22 -0.79
O1 PO4 B 11 28.36 79.93 -2.38
O2 PO4 B 11 29.63 81.06 -0.49
O3 PO4 B 11 27.19 80.86 -0.46
N1 A6C C 1 26.68 78.63 -5.97
C2 A6C C 1 25.74 78.64 -7.00
O2 A6C C 1 26.13 78.57 -8.16
N3 A6C C 1 24.43 78.75 -6.71
C4 A6C C 1 24.04 78.86 -5.45
N4 A6C C 1 22.72 78.98 -5.29
C5 A6C C 1 24.98 78.85 -4.38
C6 A6C C 1 26.29 78.74 -4.66
C1' A6C C 1 28.08 78.47 -6.36
C2' A6C C 1 28.81 79.75 -6.79
O2' A6C C 1 30.04 79.35 -7.38
C3' A6C C 1 29.10 80.55 -5.56
O3' A6C C 1 29.95 81.60 -5.85
C4' A6C C 1 29.88 79.74 -4.51
O4' A6C C 1 29.21 78.54 -4.14
C5' A6C C 1 30.08 80.57 -3.25
O5' A6C C 1 30.54 79.76 -2.19
C6' A6C C 1 28.87 77.74 -5.28
P A6C C 2 29.54 83.13 -5.75
N1 A6C C 2 25.69 81.84 -9.62
C2 A6C C 2 24.37 81.93 -10.07
O2 A6C C 2 24.14 81.97 -11.28
N3 A6C C 2 23.36 81.95 -9.16
C4 A6C C 2 23.67 81.92 -7.87
N4 A6C C 2 22.65 81.96 -6.99
C5 A6C C 2 25.03 81.83 -7.43
C6 A6C C 2 26.01 81.79 -8.32
C1' A6C C 2 26.77 81.80 -10.62
C2' A6C C 2 27.28 83.21 -11.02
O2' A6C C 2 28.07 83.07 -12.18
C3' A6C C 2 28.12 83.81 -9.91
O3' A6C C 2 28.65 85.08 -10.22
C4' A6C C 2 29.26 82.84 -9.54
O4' A6C C 2 28.79 81.54 -9.22
C5' A6C C 2 29.94 83.31 -8.27
O5' A6C C 2 29.00 83.37 -7.21
C6' A6C C 2 27.95 80.91 -10.22
OP1 A6C C 2 30.81 83.87 -5.60
OP2 A6C C 2 28.39 83.27 -4.83
P A6G C 3 27.81 86.43 -10.13
N1 A6G C 3 19.25 85.46 -9.92
C2 A6G C 3 19.21 85.63 -11.29
N2 A6G C 3 18.01 85.89 -11.84
N3 A6G C 3 20.29 85.60 -12.07
C4 A6G C 3 21.41 85.35 -11.36
C5 A6G C 3 21.56 85.15 -10.01
C6 A6G C 3 20.41 85.22 -9.17
O6 A6G C 3 20.35 85.04 -7.95
N7 A6G C 3 22.89 84.92 -9.68
C8 A6G C 3 23.53 84.98 -10.82
N9 A6G C 3 22.69 85.25 -11.89
C1' A6G C 3 23.04 85.37 -13.30
C2' A6G C 3 23.29 86.84 -13.72
O2' A6G C 3 23.24 86.85 -15.14
C3' A6G C 3 24.63 87.36 -13.27
O3' A6G C 3 25.00 88.60 -13.86
C4' A6G C 3 25.76 86.30 -13.45
O4' A6G C 3 25.39 84.96 -13.11
C5' A6G C 3 26.94 86.59 -12.57
O5' A6G C 3 26.66 86.26 -11.22
C6' A6G C 3 24.20 84.54 -13.77
OP1 A6G C 3 28.72 87.52 -10.53
OP2 A6G C 3 27.10 86.47 -8.83
P A6U C 4 24.63 90.06 -13.27
N1 A6U C 4 19.12 89.11 -11.80
C2 A6U C 4 18.09 89.12 -10.91
O2 A6U C 4 16.94 89.31 -11.24
N3 A6U C 4 18.44 88.88 -9.60
C4 A6U C 4 19.69 88.62 -9.11
O4 A6U C 4 19.82 88.44 -7.90
C5 A6U C 4 20.74 88.63 -10.11
C6 A6U C 4 20.43 88.86 -11.41
C1' A6U C 4 18.80 89.33 -13.25
C2' A6U C 4 18.87 90.80 -13.68
O2' A6U C 4 18.12 90.88 -14.91
C3' A6U C 4 20.30 91.22 -13.88
O3' A6U C 4 20.42 92.50 -14.45
C4' A6U C 4 21.05 90.22 -14.79
O4' A6U C 4 20.94 88.91 -14.24
C5' A6U C 4 22.53 90.53 -14.84
O5' A6U C 4 23.07 90.15 -13.60
C6' A6U C 4 19.59 88.45 -14.21
OP1 A6U C 4 25.37 91.05 -14.09
OP2 A6U C 4 24.84 89.98 -11.82
P A6A C 5 20.74 93.84 -13.63
N1 A6A C 5 15.98 92.06 -6.50
C2 A6A C 5 14.90 92.42 -7.19
N3 A6A C 5 14.82 92.74 -8.47
C4 A6A C 5 16.02 92.64 -9.09
C5 A6A C 5 17.22 92.27 -8.50
C6 A6A C 5 17.18 91.96 -7.13
N6 A6A C 5 18.25 91.59 -6.44
N7 A6A C 5 18.25 92.28 -9.43
C8 A6A C 5 17.67 92.63 -10.56
N9 A6A C 5 16.33 92.86 -10.40
C1' A6A C 5 15.34 93.29 -11.41
C2' A6A C 5 15.38 94.82 -11.53
O2' A6A C 5 14.35 95.27 -12.42
C3' A6A C 5 16.65 95.29 -12.17
O3' A6A C 5 16.50 96.64 -12.45
C4' A6A C 5 16.93 94.55 -13.50
O4' A6A C 5 16.86 93.14 -13.30
C5' A6A C 5 18.31 94.84 -14.08
O5' A6A C 5 19.30 94.41 -13.17
C6' A6A C 5 15.57 92.72 -12.80
OP1 A6A C 5 21.43 94.80 -14.51
OP2 A6A C 5 21.45 93.49 -12.39
P A6A C 6 16.99 97.84 -11.53
N1 A6A C 6 16.86 94.83 -3.25
C2 A6A C 6 15.59 95.24 -3.18
N3 A6A C 6 14.80 95.68 -4.14
C4 A6A C 6 15.45 95.69 -5.34
C5 A6A C 6 16.76 95.31 -5.56
C6 A6A C 6 17.49 94.86 -4.46
N6 A6A C 6 18.77 94.45 -4.51
N7 A6A C 6 17.10 95.46 -6.88
C8 A6A C 6 16.02 95.92 -7.45
N9 A6A C 6 14.98 96.10 -6.57
C1' A6A C 6 13.63 96.57 -6.89
C2' A6A C 6 13.60 98.11 -6.87
O2' A6A C 6 12.21 98.46 -6.94
C3' A6A C 6 14.24 98.69 -8.08
O3' A6A C 6 13.88 100.05 -8.06
C4' A6A C 6 13.76 98.05 -9.41
O4' A6A C 6 13.85 96.62 -9.33
C5' A6A C 6 14.63 98.44 -10.59
O5' A6A C 6 15.92 97.96 -10.36
C6' A6A C 6 13.11 96.09 -8.23
OP1 A6A C 6 16.99 99.02 -12.43
OP2 A6A C 6 18.25 97.37 -10.93
P A6U C 7 14.79 101.19 -7.45
N1 A6U C 7 15.55 98.91 -2.37
C2 A6U C 7 16.44 98.60 -1.36
O2 A6U C 7 16.20 98.73 -0.17
N3 A6U C 7 17.63 98.11 -1.80
C4 A6U C 7 18.05 97.90 -3.10
O4 A6U C 7 19.19 97.46 -3.31
C5 A6U C 7 17.08 98.26 -4.10
C6 A6U C 7 15.89 98.74 -3.71
C1' A6U C 7 14.23 99.42 -2.00
C2' A6U C 7 14.23 100.92 -1.70
O2' A6U C 7 13.06 101.17 -0.94
C3' A6U C 7 14.18 101.71 -2.99
O3' A6U C 7 13.95 103.07 -2.71
C4' A6U C 7 13.11 101.17 -3.98
O4' A6U C 7 13.24 99.77 -4.21
C5' A6U C 7 13.35 101.74 -5.35
O5' A6U C 7 14.55 101.23 -5.88
C6' A6U C 7 13.13 99.04 -2.99
OP1 A6U C 7 14.31 102.45 -8.04
OP2 A6U C 7 16.21 100.84 -7.65
P A6G C 8 15.05 104.24 -2.82
N1 A6G C 8 21.37 99.96 1.44
C2 A6G C 8 20.77 100.33 2.62
N2 A6G C 8 21.48 100.10 3.74
N3 A6G C 8 19.59 100.89 2.69
C4 A6G C 8 19.02 101.05 1.47
C5 A6G C 8 19.53 100.73 0.24
C6 A6G C 8 20.82 100.13 0.17
O6 A6G C 8 21.45 99.76 -0.82
N7 A6G C 8 18.64 101.05 -0.77
C8 A6G C 8 17.63 101.57 -0.14
N9 A6G C 8 17.79 101.60 1.22
C1' A6G C 8 16.87 102.10 2.24
C2' A6G C 8 17.15 103.59 2.51
O2' A6G C 8 16.43 103.98 3.68
C3' A6G C 8 16.63 104.47 1.39
O3' A6G C 8 16.68 105.83 1.74
C4' A6G C 8 15.19 104.12 0.99
O4' A6G C 8 15.08 102.72 0.73
C5' A6G C 8 14.85 104.81 -0.30
O5' A6G C 8 15.66 104.33 -1.36
C6' A6G C 8 15.40 101.96 1.90
OP1 A6G C 8 14.31 105.49 -3.08
OP2 A6G C 8 16.13 103.81 -3.74
P A6C C 9 17.88 106.80 1.29
N1 A6C C 9 22.27 103.51 2.94
C2 A6C C 9 23.51 102.95 2.63
O2 A6C C 9 24.36 102.84 3.51
N3 A6C C 9 23.77 102.54 1.38
C4 A6C C 9 22.84 102.68 0.45
N4 A6C C 9 23.12 102.27 -0.78
C5 A6C C 9 21.57 103.24 0.71
C6 A6C C 9 21.32 103.64 1.96
C1' A6C C 9 21.98 103.95 4.32
C2' A6C C 9 22.35 105.41 4.62
O2' A6C C 9 22.41 105.56 6.03
C3' A6C C 9 21.30 106.32 4.07
O3' A6C C 9 21.56 107.61 4.52
C4' A6C C 9 19.87 105.92 4.50
O4' A6C C 9 19.59 104.54 4.21
C5' A6C C 9 18.85 106.69 3.71
O5' A6C C 9 19.05 106.47 2.32
C6' A6C C 9 20.57 103.67 4.79
OP1 A6C C 9 17.39 108.17 1.57
OP2 A6C C 9 18.37 106.44 -0.05
P A6C C 10 22.53 108.60 3.73
N1 A6C C 10 27.02 105.39 2.89
C2 A6C C 10 27.94 104.86 1.96
O2 A6C C 10 29.04 104.52 2.35
N3 A6C C 10 27.58 104.74 0.66
C4 A6C C 10 26.36 105.13 0.29
N4 A6C C 10 26.06 105.01 -1.00
C5 A6C C 10 25.42 105.67 1.20
C6 A6C C 10 25.77 105.78 2.49
C1' A6C C 10 27.40 105.52 4.35
C2' A6C C 10 27.96 106.89 4.74
O2' A6C C 10 28.64 106.77 6.00
C3' A6C C 10 26.86 107.92 4.92
O3' A6C C 10 27.38 109.04 5.57
C4' A6C C 10 25.63 107.43 5.72
O4' A6C C 10 25.22 106.14 5.28
C5' A6C C 10 24.46 108.35 5.47
O5' A6C C 10 24.00 108.17 4.16
C6' A6C C 10 26.29 105.17 5.33
OP1 A6C C 10 22.28 109.99 4.17
OP2 A6C C 10 22.41 108.25 2.30
P PO4 C 11 26.90 110.48 5.13
O1 PO4 C 11 28.25 110.73 4.32
O2 PO4 C 11 26.88 111.51 6.18
O3 PO4 C 11 25.83 110.32 4.12
N1 A6C G 1 -6.37 -7.47 -6.42
C2 A6C G 1 -6.75 -7.53 -5.08
O2 A6C G 1 -7.90 -7.23 -4.77
N3 A6C G 1 -5.84 -7.93 -4.16
C4 A6C G 1 -4.61 -8.26 -4.51
N4 A6C G 1 -3.77 -8.64 -3.55
C5 A6C G 1 -4.19 -8.20 -5.86
C6 A6C G 1 -5.09 -7.81 -6.77
C1' A6C G 1 -7.33 -7.04 -7.48
C2' A6C G 1 -7.56 -5.52 -7.61
O2' A6C G 1 -8.73 -5.34 -8.40
C3' A6C G 1 -6.41 -4.81 -8.31
O3' A6C G 1 -6.72 -3.47 -8.60
C4' A6C G 1 -5.98 -5.55 -9.60
O4' A6C G 1 -5.81 -6.95 -9.37
C5' A6C G 1 -4.68 -5.00 -10.18
O5' A6C G 1 -3.54 -5.39 -9.43
C6' A6C G 1 -6.97 -7.59 -8.84
P A6C G 2 -6.14 -2.26 -7.71
N1 A6C G 2 -7.98 -4.22 -2.72
C2 A6C G 2 -7.74 -4.59 -1.39
O2 A6C G 2 -8.64 -4.48 -0.55
N3 A6C G 2 -6.53 -5.03 -1.02
C4 A6C G 2 -5.56 -5.15 -1.94
N4 A6C G 2 -4.37 -5.60 -1.55
C5 A6C G 2 -5.78 -4.79 -3.31
C6 A6C G 2 -6.99 -4.35 -3.67
C1' A6C G 2 -9.34 -3.74 -3.10
C2' A6C G 2 -9.63 -2.23 -3.06
O2' A6C G 2 -11.05 -2.12 -3.16
C3' A6C G 2 -9.05 -1.50 -4.24
O3' A6C G 2 -9.45 -0.16 -4.32
C4' A6C G 2 -9.39 -2.21 -5.58
O4' A6C G 2 -9.09 -3.59 -5.51
C5' A6C G 2 -8.49 -1.71 -6.68
O5' A6C G 2 -7.17 -2.17 -6.47
C6' A6C G 2 -9.80 -4.26 -4.45
OP1 A6C G 2 -6.24 -1.04 -8.53
OP2 A6C G 2 -4.83 -2.69 -7.24
P A6G G 3 -8.51 1.02 -3.81
N1 A6G G 3 -4.20 -2.48 3.52
C2 A6G G 3 -5.26 -2.02 4.26
N2 A6G G 3 -5.09 -1.99 5.59
N3 A6G G 3 -6.41 -1.62 3.74
C4 A6G G 3 -6.44 -1.71 2.39
C5 A6G G 3 -5.43 -2.15 1.57
C6 A6G G 3 -4.20 -2.58 2.13
O6 A6G G 3 -3.19 -3.03 1.55
N7 A6G G 3 -5.83 -2.10 0.24
C8 A6G G 3 -7.04 -1.63 0.26
N9 A6G G 3 -7.47 -1.37 1.54
C1' A6G G 3 -8.77 -0.84 1.94
C2' A6G G 3 -8.74 0.69 2.08
O2' A6G G 3 -9.90 1.08 2.82
C3' A6G G 3 -8.79 1.40 0.75
O3' A6G G 3 -8.98 2.79 0.94
C4' A6G G 3 -9.93 0.84 -0.13
O4' A6G G 3 -9.82 -0.57 -0.25
C5' A6G G 3 -9.87 1.37 -1.56
O5' A6G G 3 -8.69 0.94 -2.21
C6' A6G G 3 -9.91 -1.24 1.01
OP1 A6G G 3 -8.98 2.34 -4.28
OP2 A6G G 3 -7.10 0.66 -4.01
P A6U G 4 -7.87 3.91 0.72
N1 A6U G 4 -4.82 1.37 4.75
C2 A6U G 4 -3.64 0.85 5.25
O2 A6U G 4 -3.39 0.78 6.44
N3 A6U G 4 -2.75 0.40 4.30
C4 A6U G 4 -2.92 0.42 2.93
O4 A6U G 4 -2.03 0.00 2.21
C5 A6U G 4 -4.18 0.98 2.48
C6 A6U G 4 -5.05 1.42 3.39
C1' A6U G 4 -5.85 1.88 5.73
C2' A6U G 4 -5.59 3.36 6.09
O2' A6U G 4 -6.39 3.64 7.26
C3' A6U G 4 -6.05 4.31 5.00
O3' A6U G 4 -5.99 5.65 5.43
C4' A6U G 4 -7.48 3.98 4.53
O4' A6U G 4 -7.64 2.59 4.24
C5' A6U G 4 -7.85 4.71 3.25
O5' A6U G 4 -7.18 4.11 2.15
C6' A6U G 4 -7.29 1.71 5.31
OP1 A6U G 4 -8.62 5.16 0.43
OP2 A6U G 4 -6.84 3.44 -0.23
P A6A G 5 -4.84 6.68 5.00
N1 A6A G 5 2.48 1.92 4.76
C2 A6A G 5 2.55 2.02 6.09
N3 A6A G 5 1.61 2.42 6.93
C4 A6A G 5 0.48 2.74 6.26
C5 A6A G 5 0.26 2.67 4.89
C6 A6A G 5 1.35 2.24 4.11
N6 A6A G 5 1.30 2.10 2.77
N7 A6A G 5 -1.02 3.07 4.57
C8 A6A G 5 -1.55 3.37 5.73
N9 A6A G 5 -0.71 3.19 6.78
C1' A6A G 5 -0.99 3.43 8.20
C2' A6A G 5 -0.51 4.86 8.47
O2' A6A G 5 -0.37 5.05 9.87
C3' A6A G 5 -1.46 5.92 7.96
O3' A6A G 5 -1.14 7.15 8.54
C4' A6A G 5 -2.95 5.59 8.24
O4' A6A G 5 -3.26 4.24 7.89
C5' A6A G 5 -3.88 6.49 7.45
O5' A6A G 5 -3.67 6.41 6.04
C6' A6A G 5 -2.45 3.27 8.57
OP1 A6A G 5 -5.40 8.04 5.23
OP2 A6A G 5 -4.33 6.31 3.66
P A6A G 6 -0.22 8.21 7.76
N1 A6A G 6 5.86 3.73 3.25
C2 A6A G 6 6.55 3.60 4.40
N3 A6A G 6 6.21 3.98 5.63
C4 A6A G 6 4.99 4.53 5.65
C5 A6A G 6 4.16 4.74 4.56
C6 A6A G 6 4.64 4.30 3.31
N6 A6A G 6 3.95 4.43 2.17
N7 A6A G 6 2.97 5.35 4.94
C8 A6A G 6 3.10 5.48 6.24
N9 A6A G 6 4.29 5.02 6.74
C1' A6A G 6 4.71 5.05 8.15
C2' A6A G 6 5.25 6.44 8.55
O2' A6A G 6 5.97 6.29 9.78
C3' A6A G 6 4.14 7.45 8.75
O3' A6A G 6 4.67 8.63 9.26
C4' A6A G 6 2.98 6.93 9.63
O4' A6A G 6 2.58 5.63 9.20
C5' A6A G 6 1.72 7.76 9.53
O5' A6A G 6 1.28 7.83 8.18
C6' A6A G 6 3.63 4.67 9.16
OP1 A6A G 6 -0.53 9.55 8.31
OP2 A6A G 6 -0.39 8.01 6.31
P A6U G 7 4.95 9.89 8.33
N1 A6U G 7 8.32 7.15 4.90
C2 A6U G 7 8.64 6.71 3.62
O2 A6U G 7 9.75 6.30 3.31
N3 A6U G 7 7.61 6.77 2.72
C4 A6U G 7 6.32 7.22 2.97
O4 A6U G 7 5.48 7.22 2.06
C5 A6U G 7 6.07 7.67 4.32
C6 A6U G 7 7.05 7.61 5.22
C1' A6U G 7 9.39 7.11 5.95
C2' A6U G 7 10.12 8.46 5.97
O2' A6U G 7 11.37 8.28 6.62
C3' A6U G 7 9.34 9.55 6.69
O3' A6U G 7 10.12 10.72 6.92
C4' A6U G 7 8.69 9.03 8.00
O4' A6U G 7 8.05 7.77 7.83
C5' A6U G 7 7.56 9.93 8.46
O5' A6U G 7 6.39 9.66 7.69
C6' A6U G 7 8.90 6.74 7.33
OP1 A6U G 7 5.05 11.06 9.23
OP2 A6U G 7 3.98 9.91 7.22
P A6G G 8 10.28 11.95 5.90
N1 A6G G 8 9.17 8.94 -2.42
C2 A6G G 8 10.50 8.62 -2.47
N2 A6G G 8 11.01 8.35 -3.69
N3 A6G G 8 11.31 8.57 -1.42
C4 A6G G 8 10.66 8.89 -0.27
C5 A6G G 8 9.35 9.21 -0.11
C6 A6G G 8 8.49 9.26 -1.24
O6 A6G G 8 7.28 9.53 -1.24
N7 A6G G 8 9.06 9.46 1.22
C8 A6G G 8 10.19 9.27 1.84
N9 A6G G 8 11.21 8.92 0.99
C1' A6G G 8 12.59 8.64 1.37
C2' A6G G 8 13.36 9.98 1.31
O2' A6G G 8 14.77 9.65 1.33
C3' A6G G 8 13.05 10.88 2.48
O3' A6G G 8 13.94 11.97 2.53
C4' A6G G 8 13.09 10.14 3.85
O4' A6G G 8 12.32 8.93 3.79
C5' A6G G 8 12.50 10.94 4.99
O5' A6G G 8 11.15 11.31 4.72
C6' A6G G 8 12.74 8.02 2.76
OP1 A6G G 8 11.03 13.00 6.62
OP2 A6G G 8 8.97 12.28 5.29
P A6C G 9 13.66 13.43 1.91
N1 A6C G 9 11.54 11.81 -3.16
C2 A6C G 9 10.58 12.00 -4.16
O2 A6C G 9 10.92 11.96 -5.35
N3 A6C G 9 9.29 12.19 -3.77
C4 A6C G 9 8.92 12.24 -2.49
N4 A6C G 9 7.63 12.45 -2.17
C5 A6C G 9 9.91 12.07 -1.46
C6 A6C G 9 11.19 11.88 -1.83
C1' A6C G 9 12.93 11.59 -3.63
C2' A6C G 9 13.69 12.88 -3.94
O2' A6C G 9 14.81 12.52 -4.76
C3' A6C G 9 14.16 13.52 -2.64
O3' A6C G 9 14.98 14.58 -2.94
C4' A6C G 9 14.89 12.56 -1.70
O4' A6C G 9 14.09 11.40 -1.50
C5' A6C G 9 15.09 13.11 -0.31
O5' A6C G 9 13.82 13.20 0.34
C6' A6C G 9 13.76 10.71 -2.72
OP1 A6C G 9 14.70 14.38 2.36
OP2 A6C G 9 12.26 13.86 2.11
P A6C G 10 14.40 16.05 -2.91
N1 A6C G 10 10.43 15.32 -6.88
C2 A6C G 10 9.11 15.18 -7.36
O2 A6C G 10 8.92 15.07 -8.59
N3 A6C G 10 8.07 15.16 -6.48
C4 A6C G 10 8.34 15.28 -5.18
N4 A6C G 10 7.32 15.27 -4.32
C5 A6C G 10 9.67 15.43 -4.67
C6 A6C G 10 10.70 15.43 -5.54
C1' A6C G 10 11.55 15.33 -7.88
C2' A6C G 10 12.10 16.74 -8.23
O2' A6C G 10 12.83 16.66 -9.47
C3' A6C G 10 12.98 17.29 -7.15
O3' A6C G 10 13.64 18.46 -7.57
C4' A6C G 10 14.09 16.30 -6.75
O4' A6C G 10 13.55 15.01 -6.49
C5' A6C G 10 14.72 16.73 -5.44
O5' A6C G 10 13.85 16.34 -4.38
C6' A6C G 10 12.73 14.46 -7.52
OP1 A6C G 10 15.53 16.96 -2.66
OP2 A6C G 10 13.24 16.12 -2.00
P PO4 G 11 12.96 19.88 -7.75
O1 PO4 G 11 11.66 19.46 -8.57
O2 PO4 G 11 13.96 20.62 -8.57
O3 PO4 G 11 12.48 20.37 -6.45
N1 A6C H 1 7.87 18.63 -9.32
C2 A6C H 1 6.50 18.57 -9.11
O2 A6C H 1 5.72 18.60 -10.07
N3 A6C H 1 6.10 18.44 -7.83
C4 A6C H 1 7.01 18.39 -6.86
N4 A6C H 1 6.54 18.28 -5.61
C5 A6C H 1 8.42 18.46 -7.07
C6 A6C H 1 8.81 18.57 -8.33
C1' A6C H 1 8.32 18.75 -10.70
C2' A6C H 1 8.53 20.23 -11.08
O2' A6C H 1 8.66 20.33 -12.51
C3' A6C H 1 9.76 20.79 -10.44
O3' A6C H 1 10.01 22.04 -11.03
C4' A6C H 1 11.00 19.89 -10.59
O4' A6C H 1 10.69 18.55 -10.20
C5' A6C H 1 12.15 20.35 -9.71
O5' A6C H 1 12.08 19.85 -8.38
C6' A6C H 1 9.60 17.98 -10.94
P A6C H 2 9.40 23.33 -10.34
N1 A6C H 2 4.15 22.06 -9.52
C2 A6C H 2 3.09 22.16 -8.63
O2 A6C H 2 1.99 22.42 -9.14
N3 A6C H 2 3.30 21.97 -7.31
C4 A6C H 2 4.55 21.69 -6.92
N4 A6C H 2 4.75 21.52 -5.62
C5 A6C H 2 5.65 21.59 -7.81
C6 A6C H 2 5.42 21.79 -9.10
C1' A6C H 2 3.85 22.27 -11.01
C2' A6C H 2 3.86 23.71 -11.54
O2' A6C H 2 3.25 23.76 -12.85
C3' A6C H 2 5.31 24.16 -11.64
O3' A6C H 2 5.42 25.47 -12.09
C4' A6C H 2 6.18 23.25 -12.53
O4' A6C H 2 6.00 21.87 -12.20
C5' A6C H 2 7.65 23.54 -12.30
O5' A6C H 2 7.93 23.43 -10.92
C6' A6C H 2 4.66 21.43 -11.98
OP1 A6C H 2 10.23 24.50 -10.72
OP2 A6C H 2 9.19 22.98 -8.91
P A6G H 3 5.68 26.75 -11.18
N1 A6G H 3 0.82 25.35 -4.12
C2 A6G H 3 -0.27 25.73 -4.84
N2 A6G H 3 -1.39 25.86 -4.16
N3 A6G H 3 -0.29 25.95 -6.13
C4 A6G H 3 0.91 25.77 -6.70
C5 A6G H 3 2.08 25.42 -6.10
C6 A6G H 3 2.09 25.16 -4.71
O6 A6G H 3 3.08 24.84 -4.02
N7 A6G H 3 3.10 25.34 -7.03
C8 A6G H 3 2.58 25.67 -8.19
N9 A6G H 3 1.22 25.93 -8.04
C1' A6G H 3 0.26 26.37 -9.07
C2' A6G H 3 0.30 27.93 -9.18
O2' A6G H 3 -0.71 28.40 -10.07
C3' A6G H 3 1.60 28.42 -9.77
O3' A6G H 3 1.57 29.80 -10.05
C4' A6G H 3 1.90 27.75 -11.12
O4' A6G H 3 1.68 26.35 -11.10
C5' A6G H 3 3.34 27.93 -11.59
O5' A6G H 3 4.23 27.22 -10.72
C6' A6G H 3 0.47 25.88 -10.48
OP1 A6G H 3 6.25 27.79 -12.08
OP2 A6G H 3 6.45 26.37 -10.00
P A6U H 4 2.14 30.95 -9.05
N1 A6U H 4 0.01 29.09 -4.35
C2 A6U H 4 0.31 28.88 -3.02
O2 A6U H 4 -0.52 29.07 -2.15
N3 A6U H 4 1.60 28.47 -2.81
C4 A6U H 4 2.60 28.25 -3.76
O4 A6U H 4 3.73 27.88 -3.45
C5 A6U H 4 2.20 28.48 -5.12
C6 A6U H 4 0.95 28.88 -5.34
C1' A6U H 4 -1.37 29.51 -4.71
C2' A6U H 4 -1.53 31.04 -4.65
O2' A6U H 4 -2.92 31.28 -4.75
C3' A6U H 4 -0.82 31.70 -5.82
O3' A6U H 4 -1.11 33.06 -5.92
C4' A6U H 4 -1.27 31.07 -7.15
O4' A6U H 4 -1.23 29.64 -7.16
C5' A6U H 4 -0.35 31.43 -8.30
O5' A6U H 4 0.99 31.16 -7.94
C6' A6U H 4 -1.84 28.96 -6.04
OP1 A6U H 4 2.30 32.15 -9.87
OP2 A6U H 4 3.29 30.31 -8.38
P A6A H 5 -0.25 34.24 -5.28
N1 A6A H 5 3.39 30.84 2.11
C2 A6A H 5 2.26 31.20 2.71
N3 A6A H 5 1.12 31.64 2.19
C4 A6A H 5 1.19 31.70 0.85
C5 A6A H 5 2.31 31.35 0.12
C6 A6A H 5 3.46 30.89 0.80
N6 A6A H 5 4.61 30.53 0.26
N7 A6A H 5 2.04 31.54 -1.23
C8 A6A H 5 0.80 31.99 -1.29
N9 A6A H 5 0.23 32.09 -0.06
C1' A6A H 5 -1.14 32.55 0.29
C2' A6A H 5 -1.11 34.08 0.47
O2' A6A H 5 -2.28 34.49 1.20
C3' A6A H 5 -1.04 34.77 -0.88
O3' A6A H 5 -1.20 36.15 -0.76
C4' A6A H 5 -2.13 34.27 -1.85
O4' A6A H 5 -2.15 32.84 -1.89
C5' A6A H 5 -1.90 34.65 -3.29
O5' A6A H 5 -0.60 34.27 -3.71
C6' A6A H 5 -2.28 32.16 -0.65
OP1 A6A H 5 -0.78 35.45 -5.95
OP2 A6A H 5 1.22 34.09 -5.41
P A6A H 6 -0.07 37.30 -0.61
N1 A6A H 6 6.38 33.15 3.40
C2 A6A H 6 5.75 33.44 4.54
N3 A6A H 6 4.55 33.99 4.74
C4 A6A H 6 3.94 34.25 3.56
C5 A6A H 6 4.47 34.01 2.30
C6 A6A H 6 5.75 33.44 2.24
N6 A6A H 6 6.41 33.13 1.10
N7 A6A H 6 3.57 34.41 1.32
C8 A6A H 6 2.53 34.88 1.98
N9 A6A H 6 2.70 34.80 3.35
C1' A6A H 6 1.77 35.22 4.41
C2' A6A H 6 1.98 36.72 4.63
O2' A6A H 6 1.25 37.07 5.80
C3' A6A H 6 1.45 37.55 3.49
O3' A6A H 6 1.56 38.93 3.78
C4' A6A H 6 -0.02 37.17 3.21
O4' A6A H 6 -0.15 35.76 3.01
C5' A6A H 6 -0.55 37.71 1.90
O5' A6A H 6 0.36 37.24 0.90
C6' A6A H 6 0.31 34.95 4.09
OP1 A6A H 6 -0.82 38.52 -0.93
OP2 A6A H 6 1.12 36.92 -1.40
P A6U H 7 2.85 39.86 3.56
N1 A6U H 7 7.18 36.59 5.04
C2 A6U H 7 8.44 36.15 4.70
O2 A6U H 7 9.32 35.97 5.53
N3 A6U H 7 8.61 35.98 3.34
C4 A6U H 7 7.68 36.14 2.34
O4 A6U H 7 7.98 35.93 1.16
C5 A6U H 7 6.41 36.60 2.80
C6 A6U H 7 6.20 36.81 4.10
C1' A6U H 7 6.84 36.82 6.46
C2' A6U H 7 7.21 38.25 6.88
O2' A6U H 7 7.21 38.16 8.28
C3' A6U H 7 6.18 39.26 6.44
O3' A6U H 7 6.40 40.54 6.98
C4' A6U H 7 4.75 38.92 6.87
O4' A6U H 7 4.45 37.56 6.53
C5' A6U H 7 3.72 39.72 6.10
O5' A6U H 7 3.92 39.52 4.71
C6' A6U H 7 5.41 36.54 6.87
OP1 A6U H 7 2.34 41.21 3.78
OP2 A6U H 7 3.46 39.64 2.26
P A6G H 8 7.37 41.61 6.31
N1 A6G H 8 13.88 37.23 2.09
C2 A6G H 8 14.56 37.22 3.28
N2 A6G H 8 15.82 36.82 3.27
N3 A6G H 8 14.04 37.64 4.41
C4 A6G H 8 12.75 38.04 4.28
C5 A6G H 8 11.98 38.06 3.14
C6 A6G H 8 12.55 37.61 1.94
O6 A6G H 8 12.01 37.57 0.82
N7 A6G H 8 10.69 38.54 3.43
C8 A6G H 8 10.72 38.79 4.72
N9 A6G H 8 11.94 38.51 5.29
C1' A6G H 8 12.33 38.63 6.68
C2' A6G H 8 12.90 40.00 7.01
O2' A6G H 8 13.57 39.69 8.22
C3' A6G H 8 11.78 41.02 7.19
O3' A6G H 8 12.25 42.28 7.60
C4' A6G H 8 10.66 40.57 8.16
O4' A6G H 8 10.20 39.28 7.76
C5' A6G H 8 9.42 41.44 8.03
O5' A6G H 8 8.84 41.19 6.77
C6' A6G H 8 11.21 38.28 7.66
OP1 A6G H 8 7.02 42.92 6.85
OP2 A6G H 8 7.48 41.49 4.83
P A6C H 9 12.55 43.56 6.71
N1 A6C H 9 15.92 40.66 3.48
C2 A6C H 9 16.27 40.28 2.20
O2 A6C H 9 17.46 40.04 1.96
N3 A6C H 9 15.30 40.19 1.27
C4 A6C H 9 14.03 40.48 1.58
N4 A6C H 9 13.12 40.40 0.63
C5 A6C H 9 13.66 40.86 2.89
C6 A6C H 9 14.62 40.93 3.80
C1' A6C H 9 16.98 40.73 4.53
C2' A6C H 9 17.71 42.08 4.61
O2' A6C H 9 18.84 41.86 5.45
C3' A6C H 9 16.83 43.12 5.28
O3' A6C H 9 17.54 44.30 5.49
C4' A6C H 9 16.25 42.63 6.62
O4' A6C H 9 15.71 41.32 6.57
C5' A6C H 9 15.12 43.51 7.13
O5' A6C H 9 14.05 43.48 6.22
C6' A6C H 9 16.53 40.34 5.93
OP1 A6C H 9 12.42 44.68 7.64
OP2 A6C H 9 11.75 43.57 5.47
P A6C H 10 17.54 45.46 4.42
N1 A6C H 10 18.54 42.75 -0.30
C2 A6C H 10 18.17 42.55 -1.64
O2 A6C H 10 19.03 42.20 -2.44
N3 A6C H 10 16.90 42.70 -2.05
C4 A6C H 10 16.00 43.10 -1.14
N4 A6C H 10 14.74 43.27 -1.56
C5 A6C H 10 16.34 43.32 0.24
C6 A6C H 10 17.60 43.14 0.62
C1' A6C H 10 19.97 42.53 0.07
C2' A6C H 10 20.87 43.76 -0.06
O2' A6C H 10 22.24 43.32 -0.06
C3' A6C H 10 20.67 44.69 1.10
O3' A6C H 10 21.70 45.64 1.10
C4' A6C H 10 20.66 44.02 2.49
O4' A6C H 10 19.89 42.80 2.51
C5' A6C H 10 19.99 44.89 3.56
O5' A6C H 10 18.59 44.96 3.33
C6' A6C H 10 20.21 41.92 1.43
OP1 A6C H 10 18.12 46.59 5.13
OP2 A6C H 10 16.22 45.55 3.83
P PO4 H 11 21.67 46.96 0.24
O1 PO4 H 11 21.84 46.52 -1.30
O2 PO4 H 11 22.84 47.83 0.55
O3 PO4 H 11 20.31 47.50 0.45
N1 A6C I 1 19.15 45.05 -4.37
C2 A6C I 1 18.19 45.03 -5.39
O2 A6C I 1 18.55 44.89 -6.57
N3 A6C I 1 16.90 45.14 -5.05
C4 A6C I 1 16.52 45.28 -3.77
N4 A6C I 1 15.20 45.39 -3.53
C5 A6C I 1 17.49 45.33 -2.73
C6 A6C I 1 18.78 45.21 -3.07
C1' A6C I 1 20.56 44.91 -4.75
C2' A6C I 1 21.26 46.17 -5.25
O2' A6C I 1 22.45 45.73 -5.92
C3' A6C I 1 21.59 47.04 -4.06
O3' A6C I 1 22.42 48.08 -4.41
C4' A6C I 1 22.39 46.28 -3.00
O4' A6C I 1 21.71 45.11 -2.57
C5' A6C I 1 22.55 47.15 -1.78
O5' A6C I 1 22.54 46.43 -0.57
C6' A6C I 1 21.39 44.24 -3.67
P A6C I 2 21.92 49.57 -4.27
N1 A6C I 2 18.07 48.20 -8.08
C2 A6C I 2 16.73 48.23 -8.50
O2 A6C I 2 16.50 48.23 -9.72
N3 A6C I 2 15.74 48.27 -7.59
C4 A6C I 2 16.04 48.28 -6.29
N4 A6C I 2 15.06 48.32 -5.40
C5 A6C I 2 17.40 48.25 -5.85
C6 A6C I 2 18.38 48.20 -6.75
C1' A6C I 2 19.15 48.15 -9.08
C2' A6C I 2 19.63 49.55 -9.49
O2' A6C I 2 20.38 49.40 -10.70
C3' A6C I 2 20.47 50.14 -8.38
O3' A6C I 2 20.97 51.42 -8.69
C4' A6C I 2 21.60 49.16 -7.99
O4' A6C I 2 21.11 47.88 -7.63
C5' A6C I 2 22.35 49.62 -6.77
O5' A6C I 2 21.41 49.84 -5.75
C6' A6C I 2 20.30 47.26 -8.64
OP1 A6C I 2 23.14 50.36 -4.02
OP2 A6C I 2 20.74 49.65 -3.38
P A6G I 3 20.07 52.73 -8.53
N1 A6G I 3 11.65 51.77 -8.47
C2 A6G I 3 11.60 51.90 -9.84
N2 A6G I 3 10.40 52.11 -10.39
N3 A6G I 3 12.67 51.81 -10.62
C4 A6G I 3 13.80 51.61 -9.89
C5 A6G I 3 13.94 51.47 -8.53
C6 A6G I 3 12.81 51.57 -7.72
O6 A6G I 3 12.77 51.47 -6.48
N7 A6G I 3 15.28 51.26 -8.19
C8 A6G I 3 15.90 51.27 -9.33
N9 A6G I 3 15.06 51.47 -10.40
C1' A6G I 3 15.39 51.53 -11.82
C2' A6G I 3 15.65 52.98 -12.29
O2' A6G I 3 15.63 53.00 -13.71
C3' A6G I 3 16.99 53.53 -11.84
O3' A6G I 3 17.34 54.72 -12.51
C4' A6G I 3 18.13 52.50 -11.99
O4' A6G I 3 17.78 51.16 -11.64
C5' A6G I 3 19.28 52.82 -11.06
O5' A6G I 3 18.98 52.54 -9.71
C6' A6G I 3 16.57 50.66 -12.23
OP1 A6G I 3 20.94 53.89 -8.88
OP2 A6G I 3 19.33 52.76 -7.27
P A6U I 4 16.99 56.22 -12.01
N1 A6U I 4 11.46 55.35 -10.48
C2 A6U I 4 10.42 55.39 -9.58
O2 A6U I 4 9.27 55.58 -9.90
N3 A6U I 4 10.77 55.18 -8.27
C4 A6U I 4 12.05 54.96 -7.79
O4 A6U I 4 12.23 54.82 -6.59
C5 A6U I 4 13.09 54.94 -8.78
C6 A6U I 4 12.76 55.12 -10.06
C1' A6U I 4 11.14 55.51 -11.92
C2' A6U I 4 11.23 56.98 -12.38
O2' A6U I 4 10.51 57.09 -13.63
C3' A6U I 4 12.66 57.40 -12.61
O3' A6U I 4 12.76 58.68 -13.18
C4' A6U I 4 13.39 56.36 -13.48
O4' A6U I 4 13.28 55.02 -12.95
C5' A6U I 4 14.88 56.64 -13.55
O5' A6U I 4 15.43 56.31 -12.28
C6' A6U I 4 11.93 54.60 -12.82
OP1 A6U I 4 17.74 57.16 -12.89
OP2 A6U I 4 17.22 56.28 -10.56
P A6A I 5 13.03 60.06 -12.37
N1 A6A I 5 8.37 58.40 -5.17
C2 A6A I 5 7.27 58.73 -5.87
N3 A6A I 5 7.13 59.00 -7.17
C4 A6A I 5 8.33 58.89 -7.78
C5 A6A I 5 9.54 58.54 -7.21
C6 A6A I 5 9.54 58.27 -5.83
N6 A6A I 5 10.65 57.92 -5.14
N7 A6A I 5 10.54 58.52 -8.16
C8 A6A I 5 9.96 58.86 -9.27
N9 A6A I 5 8.61 59.08 -9.12
C1' A6A I 5 7.65 59.50 -10.14
C2' A6A I 5 7.72 61.05 -10.29
O2' A6A I 5 6.65 61.52 -11.11
C3' A6A I 5 8.99 61.52 -10.99
O3' A6A I 5 8.88 62.90 -11.30
C4' A6A I 5 9.23 60.70 -12.28
O4' A6A I 5 9.14 59.29 -12.06
C5' A6A I 5 10.60 60.92 -12.86
O5' A6A I 5 11.59 60.59 -11.91
C6' A6A I 5 7.88 58.87 -11.51
OP1 A6A I 5 13.70 61.02 -13.31
OP2 A6A I 5 13.77 59.73 -11.13
P A6A I 6 9.40 64.15 -10.44
N1 A6A I 6 9.24 61.34 -2.03
C2 A6A I 6 7.98 61.75 -1.94
N3 A6A I 6 7.15 62.16 -2.91
C4 A6A I 6 7.78 62.11 -4.12
C5 A6A I 6 9.09 61.70 -4.37
C6 A6A I 6 9.84 61.30 -3.24
N6 A6A I 6 11.11 60.88 -3.33
N7 A6A I 6 9.41 61.77 -5.72
C8 A6A I 6 8.32 62.21 -6.27
N9 A6A I 6 7.30 62.44 -5.38
C1' A6A I 6 5.96 62.92 -5.72
C2' A6A I 6 5.90 64.45 -5.75
O2' A6A I 6 4.52 64.83 -5.78
C3' A6A I 6 6.55 65.02 -6.98
O3' A6A I 6 6.25 66.38 -7.05
C4' A6A I 6 6.08 64.34 -8.28
O4' A6A I 6 6.17 62.92 -8.16
C5' A6A I 6 6.96 64.69 -9.48
O5' A6A I 6 8.27 64.20 -9.29
C6' A6A I 6 5.43 62.41 -7.05
OP1 A6A I 6 9.38 65.33 -11.34
OP2 A6A I 6 10.65 63.72 -9.86
P A6U I 7 7.17 67.51 -6.41
N1 A6U I 7 7.88 65.38 -1.27
C2 A6U I 7 8.76 65.07 -0.25
O2 A6U I 7 8.48 65.26 0.92
N3 A6U I 7 9.97 64.55 -0.65
C4 A6U I 7 10.38 64.33 -1.95
O4 A6U I 7 11.49 63.85 -2.14
C5 A6U I 7 9.40 64.67 -2.95
C6 A6U I 7 8.21 65.18 -2.59
C1' A6U I 7 6.57 65.91 -0.89
C2' A6U I 7 6.56 67.43 -0.66
O2' A6U I 7 5.40 67.69 0.13
C3' A6U I 7 6.50 68.16 -1.98
O3' A6U I 7 6.25 69.52 -1.77
C4' A6U I 7 5.43 67.58 -2.94
O4' A6U I 7 5.54 66.17 -3.10
C5' A6U I 7 5.63 68.07 -4.35
O5' A6U I 7 6.86 67.59 -4.84
C6' A6U I 7 5.46 65.48 -1.85
OP1 A6U I 7 6.72 68.77 -7.04
OP2 A6U I 7 8.59 67.15 -6.56
P A6G I 8 7.35 70.68 -1.83
N1 A6G I 8 13.72 66.60 2.44
C2 A6G I 8 13.15 67.01 3.62
N2 A6G I 8 13.88 66.82 4.73
N3 A6G I 8 11.94 67.57 3.69
C4 A6G I 8 11.37 67.68 2.46
C5 A6G I 8 11.87 67.30 1.23
C6 A6G I 8 13.15 66.71 1.17
O6 A6G I 8 13.79 66.31 0.16
N7 A6G I 8 10.96 67.60 0.23
C8 A6G I 8 9.94 68.13 0.85
N9 A6G I 8 10.12 68.22 2.21
C1' A6G I 8 9.21 68.76 3.23
C2' A6G I 8 9.48 70.26 3.46
O2' A6G I 8 8.75 70.70 4.63
C3' A6G I 8 8.97 71.09 2.31
O3' A6G I 8 9.01 72.45 2.62
C4' A6G I 8 7.53 70.73 1.96
O4' A6G I 8 7.38 69.33 1.74
C5' A6G I 8 7.13 71.38 0.65
O5' A6G I 8 7.93 70.80 -0.36
C6' A6G I 8 7.75 68.58 2.90
OP1 A6G I 8 6.61 71.94 -2.14
OP2 A6G I 8 8.48 70.25 -2.69
P A6C I 9 10.20 73.41 2.16
N1 A6C I 9 14.58 70.20 3.85
C2 A6C I 9 15.84 69.64 3.57
O2 A6C I 9 16.68 69.56 4.47
N3 A6C I 9 16.09 69.21 2.31
C4 A6C I 9 15.14 69.32 1.37
N4 A6C I 9 15.41 68.88 0.14
C5 A6C I 9 13.87 69.88 1.65
C6 A6C I 9 13.63 70.30 2.89
C1' A6C I 9 14.30 70.66 5.22
C2' A6C I 9 14.68 72.13 5.46
O2' A6C I 9 14.74 72.37 6.87
C3' A6C I 9 13.62 73.03 4.89
O3' A6C I 9 13.85 74.37 5.21
C4' A6C I 9 12.22 72.66 5.37
O4' A6C I 9 11.90 71.27 5.17
C5' A6C I 9 11.18 73.40 4.55
O5' A6C I 9 11.37 73.07 3.19
C6' A6C I 9 12.89 70.38 5.70
OP1 A6C I 9 9.70 74.76 2.44
OP2 A6C I 9 10.63 73.02 0.82
P A6C I 10 14.81 75.33 4.38
N1 A6C I 10 19.34 72.09 3.82
C2 A6C I 10 20.26 71.55 2.91
O2 A6C I 10 21.38 71.23 3.34
N3 A6C I 10 19.90 71.38 1.61
C4 A6C I 10 18.68 71.75 1.21
N4 A6C I 10 18.36 71.58 -0.08
C5 A6C I 10 17.73 72.30 2.12
C6 A6C I 10 18.10 72.47 3.40
C1' A6C I 10 19.73 72.25 5.23
C2' A6C I 10 20.31 73.63 5.60
O2' A6C I 10 20.92 73.48 6.89
C3' A6C I 10 19.22 74.68 5.66
O3' A6C I 10 19.73 75.86 6.23
C4' A6C I 10 17.99 74.24 6.50
O4' A6C I 10 17.55 72.91 6.20
C5' A6C I 10 16.76 75.10 6.23
O5' A6C I 10 16.29 74.93 4.90
C6' A6C I 10 18.61 71.92 6.19
OP1 A6C I 10 14.59 76.74 4.82
OP2 A6C I 10 14.74 74.99 2.94
P PO4 I 11 20.30 77.10 5.38
O1 PO4 I 11 21.73 76.81 4.73
O2 PO4 I 11 20.32 78.38 6.13
O3 PO4 I 11 19.46 77.15 4.15
N1 A6C M 1 -14.05 -41.04 -4.52
C2 A6C M 1 -14.43 -41.09 -3.17
O2 A6C M 1 -15.58 -40.76 -2.84
N3 A6C M 1 -13.52 -41.49 -2.27
C4 A6C M 1 -12.28 -41.84 -2.63
N4 A6C M 1 -11.43 -42.24 -1.69
C5 A6C M 1 -11.88 -41.81 -4.00
C6 A6C M 1 -12.78 -41.40 -4.88
C1' A6C M 1 -14.99 -40.62 -5.60
C2' A6C M 1 -15.20 -39.10 -5.75
O2' A6C M 1 -16.41 -38.91 -6.48
C3' A6C M 1 -14.08 -38.40 -6.48
O3' A6C M 1 -14.45 -37.06 -6.75
C4' A6C M 1 -13.64 -39.16 -7.74
O4' A6C M 1 -13.47 -40.55 -7.51
C5' A6C M 1 -12.33 -38.64 -8.33
O5' A6C M 1 -11.19 -38.97 -7.55
C6' A6C M 1 -14.61 -41.20 -6.94
P A6C M 2 -13.85 -35.85 -5.89
N1 A6C M 2 -15.65 -37.72 -0.89
C2 A6C M 2 -15.42 -38.04 0.45
O2 A6C M 2 -16.35 -37.90 1.27
N3 A6C M 2 -14.20 -38.49 0.83
C4 A6C M 2 -13.23 -38.62 -0.10
N4 A6C M 2 -12.03 -39.07 0.29
C5 A6C M 2 -13.45 -38.29 -1.46
C6 A6C M 2 -14.66 -37.87 -1.82
C1' A6C M 2 -17.00 -37.26 -1.31
C2' A6C M 2 -17.27 -35.74 -1.27
O2' A6C M 2 -18.69 -35.58 -1.29
C3' A6C M 2 -16.70 -35.02 -2.47
O3' A6C M 2 -17.07 -33.66 -2.50
C4' A6C M 2 -17.08 -35.71 -3.79
O4' A6C M 2 -16.80 -37.10 -3.74
C5' A6C M 2 -16.17 -35.21 -4.90
O5' A6C M 2 -14.86 -35.70 -4.67
C6' A6C M 2 -17.45 -37.80 -2.65
OP1 A6C M 2 -13.95 -34.61 -6.68
OP2 A6C M 2 -12.50 -36.24 -5.44
P A6G M 3 -16.08 -32.48 -2.04
N1 A6G M 3 -11.86 -35.89 5.29
C2 A6G M 3 -12.92 -35.39 6.01
N2 A6G M 3 -12.75 -35.31 7.35
N3 A6G M 3 -14.08 -34.98 5.51
C4 A6G M 3 -14.11 -35.12 4.16
C5 A6G M 3 -13.11 -35.61 3.36
C6 A6G M 3 -11.87 -36.04 3.90
O6 A6G M 3 -10.89 -36.50 3.30
N7 A6G M 3 -13.53 -35.59 2.03
C8 A6G M 3 -14.74 -35.10 2.07
N9 A6G M 3 -15.16 -34.79 3.33
C1' A6G M 3 -16.46 -34.24 3.68
C2' A6G M 3 -16.41 -32.71 3.80
O2' A6G M 3 -17.57 -32.32 4.55
C3' A6G M 3 -16.47 -32.00 2.47
O3' A6G M 3 -16.65 -30.63 2.67
C4' A6G M 3 -17.61 -32.54 1.57
O4' A6G M 3 -17.50 -33.96 1.48
C5' A6G M 3 -17.51 -32.05 0.13
O5' A6G M 3 -16.29 -32.47 -0.46
C6' A6G M 3 -17.58 -34.64 2.73
OP1 A6G M 3 -16.55 -31.18 -2.60
OP2 A6G M 3 -14.68 -32.90 -2.23
P A6U M 4 -15.53 -29.52 2.38
N1 A6U M 4 -12.49 -32.00 6.45
C2 A6U M 4 -11.30 -32.51 6.96
O2 A6U M 4 -11.04 -32.54 8.15
N3 A6U M 4 -10.41 -32.99 6.02
C4 A6U M 4 -10.60 -33.01 4.65
O4 A6U M 4 -9.73 -33.47 3.91
C5 A6U M 4 -11.86 -32.46 4.20
C6 A6U M 4 -12.73 -32.00 5.10
C1' A6U M 4 -13.49 -31.47 7.42
C2' A6U M 4 -13.23 -29.98 7.74
O2' A6U M 4 -13.95 -29.68 8.94
C3' A6U M 4 -13.70 -29.05 6.64
O3' A6U M 4 -13.64 -27.71 7.05
C4' A6U M 4 -15.12 -29.40 6.17
O4' A6U M 4 -15.25 -30.79 5.88
C5' A6U M 4 -15.48 -28.70 4.88
O5' A6U M 4 -14.80 -29.31 3.79
C6' A6U M 4 -14.94 -31.64 6.99
OP1 A6U M 4 -16.28 -28.29 2.08
OP2 A6U M 4 -14.52 -30.05 1.44
P A6A M 5 -12.51 -26.66 6.59
N1 A6A M 5 -5.19 -31.46 6.45
C2 A6A M 5 -5.12 -31.33 7.77
N3 A6A M 5 -6.06 -30.90 8.60
C4 A6A M 5 -7.19 -30.59 7.94
C5 A6A M 5 -7.40 -30.68 6.57
C6 A6A M 5 -6.33 -31.15 5.79
N6 A6A M 5 -6.41 -31.27 4.47
N7 A6A M 5 -8.67 -30.27 6.24
C8 A6A M 5 -9.21 -29.95 7.39
N9 A6A M 5 -8.37 -30.13 8.45
C1' A6A M 5 -8.66 -29.85 9.85
C2' A6A M 5 -8.18 -28.40 10.14
O2' A6A M 5 -8.07 -28.21 11.55
C3' A6A M 5 -9.11 -27.35 9.59
O3' A6A M 5 -8.79 -26.08 10.12
C4' A6A M 5 -10.60 -27.67 9.86
O4' A6A M 5 -10.92 -29.02 9.54
C5' A6A M 5 -11.54 -26.82 9.03
O5' A6A M 5 -11.32 -26.91 7.64
C6' A6A M 5 -10.12 -29.99 10.23
OP1 A6A M 5 -13.08 -25.30 6.81
OP2 A6A M 5 -12.01 -27.07 5.27
P A6A M 6 -7.90 -25.00 9.35
N1 A6A M 6 -1.80 -29.66 4.96
C2 A6A M 6 -1.11 -29.76 6.10
N3 A6A M 6 -1.46 -29.39 7.34
C4 A6A M 6 -2.68 -28.84 7.35
C5 A6A M 6 -3.52 -28.68 6.26
C6 A6A M 6 -3.03 -29.13 5.01
N6 A6A M 6 -3.74 -29.03 3.87
N7 A6A M 6 -4.71 -28.08 6.62
C8 A6A M 6 -4.58 -27.91 7.91
N9 A6A M 6 -3.38 -28.34 8.43
C1' A6A M 6 -2.95 -28.28 9.84
C2' A6A M 6 -2.41 -26.89 10.15
O2' A6A M 6 -1.71 -26.93 11.40
C3' A6A M 6 -3.53 -25.88 10.30
O3' A6A M 6 -3.03 -24.65 10.80
C4' A6A M 6 -4.70 -26.40 11.18
O4' A6A M 6 -5.11 -27.72 10.81
C5' A6A M 6 -5.94 -25.51 11.10
O5' A6A M 6 -6.39 -25.37 9.76
C6' A6A M 6 -4.04 -28.64 10.85
OP1 A6A M 6 -8.27 -23.67 9.86
OP2 A6A M 6 -8.00 -25.30 7.91
P A6U M 7 -2.72 -23.35 9.89
N1 A6U M 7 0.65 -26.26 6.52
C2 A6U M 7 0.97 -26.72 5.25
O2 A6U M 7 2.07 -27.13 4.94
N3 A6U M 7 -0.07 -26.66 4.36
C4 A6U M 7 -1.36 -26.21 4.60
O4 A6U M 7 -2.18 -26.21 3.70
C5 A6U M 7 -1.61 -25.74 5.95
C6 A6U M 7 -0.61 -25.79 6.83
C1' A6U M 7 1.71 -26.27 7.55
C2' A6U M 7 2.46 -24.92 7.57
O2' A6U M 7 3.70 -25.12 8.26
C3' A6U M 7 1.68 -23.82 8.28
O3' A6U M 7 2.47 -22.67 8.51
C4' A6U M 7 1.00 -24.30 9.60
O4' A6U M 7 0.35 -25.57 9.44
C5' A6U M 7 -0.12 -23.40 10.04
O5' A6U M 7 -1.28 -23.67 9.27
C6' A6U M 7 1.20 -26.61 8.94
OP1 A6U M 7 -2.62 -22.19 10.82
OP2 A6U M 7 -3.72 -23.32 8.81
P A6G M 8 2.64 -21.48 7.44
N1 A6G M 8 1.52 -24.60 -0.85
C2 A6G M 8 2.86 -24.91 -0.91
N2 A6G M 8 3.39 -25.21 -2.10
N3 A6G M 8 3.65 -24.94 0.16
C4 A6G M 8 2.98 -24.63 1.30
C5 A6G M 8 1.66 -24.30 1.45
C6 A6G M 8 0.83 -24.28 0.32
O6 A6G M 8 -0.39 -24.02 0.28
N7 A6G M 8 1.38 -24.05 2.80
C8 A6G M 8 2.51 -24.22 3.41
N9 A6G M 8 3.52 -24.56 2.56
C1' A6G M 8 4.90 -24.81 2.94
C2' A6G M 8 5.66 -23.46 2.85
O2' A6G M 8 7.05 -23.78 2.85
C3' A6G M 8 5.38 -22.52 4.01
O3' A6G M 8 6.29 -21.43 3.98
C4' A6G M 8 5.42 -23.24 5.38
O4' A6G M 8 4.66 -24.47 5.37
C5' A6G M 8 4.84 -22.40 6.49
O5' A6G M 8 3.46 -22.19 6.28
C6' A6G M 8 5.06 -25.38 4.33
OP1 A6G M 8 3.46 -20.43 8.08
OP2 A6G M 8 1.26 -21.09 7.05
P A6C M 9 6.02 -19.97 3.36
N1 A6C M 9 3.89 -21.76 -1.65
C2 A6C M 9 2.92 -21.63 -2.65
O2 A6C M 9 3.30 -21.70 -3.83
N3 A6C M 9 1.62 -21.45 -2.31
C4 A6C M 9 1.27 -21.34 -1.03
N4 A6C M 9 -0.04 -21.18 -0.77
C5 A6C M 9 2.25 -21.49 -0.01
C6 A6C M 9 3.53 -21.70 -0.34
C1' A6C M 9 5.29 -22.01 -2.09
C2' A6C M 9 6.07 -20.74 -2.46
O2' A6C M 9 7.25 -21.12 -3.19
C3' A6C M 9 6.47 -20.04 -1.18
O3' A6C M 9 7.24 -18.89 -1.47
C4' A6C M 9 7.23 -20.97 -0.19
O4' A6C M 9 6.45 -22.15 0.07
C5' A6C M 9 7.40 -20.31 1.17
O5' A6C M 9 6.14 -20.18 1.78
C6' A6C M 9 6.09 -22.86 -1.13
OP1 A6C M 9 7.07 -19.07 3.88
OP2 A6C M 9 4.63 -19.54 3.59
P A6C M 10 6.66 -17.41 -1.41
N1 A6C M 10 2.84 -18.32 -5.40
C2 A6C M 10 1.51 -18.48 -5.84
O2 A6C M 10 1.29 -18.62 -7.07
N3 A6C M 10 0.51 -18.49 -4.95
C4 A6C M 10 0.76 -18.35 -3.66
N4 A6C M 10 -0.29 -18.39 -2.83
C5 A6C M 10 2.08 -18.18 -3.17
C6 A6C M 10 3.09 -18.18 -4.06
C1' A6C M 10 3.94 -18.29 -6.40
C2' A6C M 10 4.44 -16.88 -6.77
O2' A6C M 10 5.26 -17.02 -7.95
C3' A6C M 10 5.28 -16.28 -5.66
O3' A6C M 10 5.83 -15.00 -5.99
C4' A6C M 10 6.43 -17.26 -5.29
O4' A6C M 10 6.03 -18.63 -5.10
C5' A6C M 10 7.08 -16.91 -3.96
O5' A6C M 10 6.17 -17.12 -2.90
C6' A6C M 10 5.11 -19.19 -6.03
OP1 A6C M 10 7.83 -16.54 -1.12
OP2 A6C M 10 5.43 -17.31 -0.59
P PO4 M 11 5.23 -13.51 -5.63
O1 PO4 M 11 4.06 -13.25 -6.68
O2 PO4 M 11 6.38 -12.62 -5.87
O3 PO4 M 11 4.64 -13.47 -4.29
N1 A6C N 1 0.01 -14.82 -7.51
C2 A6C N 1 -1.38 -14.84 -7.23
O2 A6C N 1 -2.21 -14.75 -8.16
N3 A6C N 1 -1.77 -14.93 -5.93
C4 A6C N 1 -0.83 -15.00 -4.97
N4 A6C N 1 -1.24 -15.11 -3.69
C5 A6C N 1 0.57 -15.00 -5.24
C6 A6C N 1 0.94 -14.91 -6.52
C1' A6C N 1 0.47 -14.73 -8.90
C2' A6C N 1 0.68 -13.25 -9.27
O2' A6C N 1 0.77 -13.08 -10.68
C3' A6C N 1 1.94 -12.72 -8.65
O3' A6C N 1 2.24 -11.51 -9.25
C4' A6C N 1 3.18 -13.61 -8.82
O4' A6C N 1 2.91 -14.94 -8.46
C5' A6C N 1 4.35 -13.17 -7.95
O5' A6C N 1 4.29 -13.66 -6.63
C6' A6C N 1 1.76 -15.48 -9.13
P A6C N 2 1.57 -10.23 -8.62
N1 A6C N 2 -3.67 -11.38 -7.92
C2 A6C N 2 -4.70 -11.28 -6.98
O2 A6C N 2 -5.82 -11.01 -7.43
N3 A6C N 2 -4.48 -11.48 -5.66
C4 A6C N 2 -3.24 -11.73 -5.26
N4 A6C N 2 -3.07 -11.90 -3.95
C5 A6C N 2 -2.16 -11.83 -6.20
C6 A6C N 2 -2.40 -11.66 -7.51
C1' A6C N 2 -4.06 -11.19 -9.33
C2' A6C N 2 -4.00 -9.74 -9.77
O2' A6C N 2 -4.65 -9.67 -11.03
C3' A6C N 2 -2.54 -9.33 -9.94
O3' A6C N 2 -2.42 -8.02 -10.49
C4' A6C N 2 -1.70 -10.31 -10.81
O4' A6C N 2 -1.93 -11.68 -10.42
C5' A6C N 2 -0.22 -10.04 -10.63
O5' A6C N 2 0.10 -10.10 -9.25
C6' A6C N 2 -3.30 -12.07 -10.32
OP1 A6C N 2 2.42 -9.10 -9.08
OP2 A6C N 2 1.30 -10.45 -7.19
P A6G N 3 -2.12 -6.68 -9.66
N1 A6G N 3 -6.86 -8.05 -2.49
C2 A6G N 3 -8.00 -7.69 -3.18
N2 A6G N 3 -9.15 -7.55 -2.49
N3 A6G N 3 -8.01 -7.50 -4.48
C4 A6G N 3 -6.79 -7.65 -5.06
C5 A6G N 3 -5.62 -8.02 -4.47
C6 A6G N 3 -5.61 -8.26 -3.05
O6 A6G N 3 -4.65 -8.57 -2.33
N7 A6G N 3 -4.59 -8.08 -5.41
C8 A6G N 3 -5.20 -7.79 -6.53
N9 A6G N 3 -6.53 -7.52 -6.40
C1' A6G N 3 -7.51 -7.11 -7.41
C2' A6G N 3 -7.46 -5.57 -7.53
O2' A6G N 3 -8.51 -5.13 -8.38
C3' A6G N 3 -6.17 -5.09 -8.16
O3' A6G N 3 -6.23 -3.73 -8.44
C4' A6G N 3 -5.91 -5.83 -9.48
O4' A6G N 3 -6.07 -7.25 -9.34
C5' A6G N 3 -4.48 -5.65 -10.01
O5' A6G N 3 -3.56 -6.23 -9.14
C6' A6G N 3 -7.34 -7.65 -8.81
OP1 A6G N 3 -1.48 -5.69 -10.55
OP2 A6G N 3 -1.39 -7.11 -8.42
P A6U N 4 -5.62 -2.67 -7.43
N1 A6U N 4 -7.69 -4.25 -2.65
C2 A6U N 4 -7.42 -4.43 -1.31
O2 A6U N 4 -8.21 -4.22 -0.40
N3 A6U N 4 -6.15 -4.83 -1.05
C4 A6U N 4 -5.14 -5.13 -1.95
O4 A6U N 4 -4.04 -5.50 -1.53
C5 A6U N 4 -5.50 -4.93 -3.34
C6 A6U N 4 -6.74 -4.51 -3.64
C1' A6U N 4 -9.07 -3.82 -3.00
C2' A6U N 4 -9.18 -2.30 -2.98
O2' A6U N 4 -10.59 -2.02 -3.09
C3' A6U N 4 -8.47 -1.72 -4.18
O3' A6U N 4 -8.77 -0.38 -4.29
C4' A6U N 4 -8.98 -2.38 -5.47
O4' A6U N 4 -8.87 -3.79 -5.41
C5' A6U N 4 -8.11 -2.03 -6.68
O5' A6U N 4 -6.75 -2.29 -6.34
C6' A6U N 4 -9.57 -4.39 -4.30
OP1 A6U N 4 -5.36 -1.48 -8.26
OP2 A6U N 4 -4.50 -3.29 -6.70
P A6A N 5 -7.91 0.78 -3.68
N1 A6A N 5 -4.27 -2.50 3.78
C2 A6A N 5 -5.42 -2.14 4.33
N3 A6A N 5 -6.55 -1.72 3.78
C4 A6A N 5 -6.42 -1.62 2.44
C5 A6A N 5 -5.29 -1.92 1.72
C6 A6A N 5 -4.16 -2.39 2.44
N6 A6A N 5 -3.00 -2.73 1.86
N7 A6A N 5 -5.51 -1.70 0.36
C8 A6A N 5 -6.76 -1.26 0.28
N9 A6A N 5 -7.36 -1.22 1.52
C1' A6A N 5 -8.69 -0.81 1.97
C2' A6A N 5 -8.71 0.72 2.13
O2' A6A N 5 -9.91 1.10 2.81
C3' A6A N 5 -8.69 1.38 0.78
O3' A6A N 5 -8.91 2.76 0.86
C4' A6A N 5 -9.77 0.82 -0.17
O4' A6A N 5 -9.79 -0.62 -0.21
C5' A6A N 5 -9.56 1.19 -1.63
O5' A6A N 5 -8.25 0.86 -2.10
C6' A6A N 5 -9.84 -1.23 1.07
OP1 A6A N 5 -8.44 1.97 -4.38
OP2 A6A N 5 -6.46 0.69 -3.77
P A6A N 6 -7.81 3.92 0.84
N1 A6A N 6 -1.33 -0.18 4.98
C2 A6A N 6 -1.95 0.08 6.12
N3 A6A N 6 -3.15 0.64 6.31
C4 A6A N 6 -3.74 0.92 5.14
C5 A6A N 6 -3.22 0.69 3.88
C6 A6A N 6 -1.94 0.10 3.80
N6 A6A N 6 -1.27 -0.18 2.68
N7 A6A N 6 -4.16 1.11 2.95
C8 A6A N 6 -5.18 1.58 3.61
N9 A6A N 6 -4.98 1.48 4.94
C1' A6A N 6 -5.92 1.93 5.99
C2' A6A N 6 -5.68 3.44 6.26
O2' A6A N 6 -6.40 3.83 7.43
C3' A6A N 6 -6.17 4.29 5.11
O3' A6A N 6 -6.09 5.65 5.43
C4' A6A N 6 -7.63 3.96 4.77
O4' A6A N 6 -7.83 2.56 4.60
C5' A6A N 6 -8.10 4.53 3.45
O5' A6A N 6 -7.33 4.01 2.37
C6' A6A N 6 -7.39 1.69 5.65
OP1 A6A N 6 -8.58 5.13 0.54
OP2 A6A N 6 -6.56 3.55 0.12
P A6U N 7 -4.82 6.58 5.12
N1 A6U N 7 -0.54 3.32 6.56
C2 A6U N 7 0.73 2.84 6.22
O2 A6U N 7 1.62 2.61 7.04
N3 A6U N 7 0.92 2.62 4.85
C4 A6U N 7 0.00 2.85 3.83
O4 A6U N 7 0.25 2.61 2.64
C5 A6U N 7 -1.28 3.33 4.28
C6 A6U N 7 -1.49 3.55 5.59
C1' A6U N 7 -0.85 3.58 8.02
C2' A6U N 7 -0.44 5.00 8.40
O2' A6U N 7 -0.43 5.11 9.83
C3' A6U N 7 -1.46 5.97 7.89
O3' A6U N 7 -1.19 7.24 8.39
C4' A6U N 7 -2.89 5.63 8.35
O4' A6U N 7 -3.24 4.26 8.08
C5' A6U N 7 -3.88 6.47 7.57
O5' A6U N 7 -3.69 6.25 6.19
C6' A6U N 7 -2.28 3.25 8.43
OP1 A6U N 7 -5.31 7.96 5.32
OP2 A6U N 7 -4.20 6.23 3.82
P A6G N 8 -0.16 8.19 7.68
N1 A6G N 8 6.24 3.83 3.56
C2 A6G N 8 6.92 3.82 4.75
N2 A6G N 8 8.17 3.34 4.74
N3 A6G N 8 6.37 4.26 5.87
C4 A6G N 8 5.11 4.70 5.70
C5 A6G N 8 4.35 4.76 4.56
C6 A6G N 8 4.93 4.28 3.36
O6 A6G N 8 4.43 4.23 2.21
N7 A6G N 8 3.08 5.29 4.80
C8 A6G N 8 3.12 5.51 6.09
N9 A6G N 8 4.31 5.20 6.69
C1' A6G N 8 4.70 5.30 8.09
C2' A6G N 8 5.31 6.67 8.45
O2' A6G N 8 5.93 6.38 9.71
C3' A6G N 8 4.25 7.74 8.52
O3' A6G N 8 4.81 8.94 8.99
C4' A6G N 8 3.13 7.31 9.50
O4' A6G N 8 2.64 6.03 9.12
C5' A6G N 8 1.89 8.18 9.39
O5' A6G N 8 1.29 7.78 8.18
C6' A6G N 8 3.62 4.99 9.12
OP1 A6G N 8 -0.44 9.57 8.18
OP2 A6G N 8 -0.16 7.99 6.24
P A6C N 9 5.08 10.22 8.11
N1 A6C N 9 8.31 7.27 4.98
C2 A6C N 9 8.68 6.85 3.68
O2 A6C N 9 9.88 6.54 3.46
N3 A6C N 9 7.72 6.77 2.71
C4 A6C N 9 6.46 7.13 3.01
N4 A6C N 9 5.53 7.06 2.04
C5 A6C N 9 6.09 7.56 4.32
C6 A6C N 9 7.02 7.60 5.28
C1' A6C N 9 9.42 7.30 6.02
C2' A6C N 9 10.20 8.62 6.05
O2' A6C N 9 11.36 8.44 6.88
C3' A6C N 9 9.31 9.68 6.66
O3' A6C N 9 10.01 10.87 6.85
C4' A6C N 9 8.75 9.27 8.05
O4' A6C N 9 8.12 7.99 7.95
C5' A6C N 9 7.67 10.22 8.53
O5' A6C N 9 6.59 10.17 7.61
C6' A6C N 9 8.98 6.97 7.44
OP1 A6C N 9 4.93 11.30 9.08
OP2 A6C N 9 4.21 10.20 6.93
P A6C N 10 10.05 12.04 5.78
N1 A6C N 10 11.01 9.28 1.07
C2 A6C N 10 10.62 9.09 -0.27
O2 A6C N 10 11.46 8.73 -1.11
N3 A6C N 10 9.32 9.29 -0.63
C4 A6C N 10 8.43 9.68 0.29
N4 A6C N 10 7.15 9.88 -0.07
C5 A6C N 10 8.82 9.88 1.64
C6 A6C N 10 10.09 9.68 2.00
C1' A6C N 10 12.44 9.04 1.42
C2' A6C N 10 13.31 10.29 1.27
O2' A6C N 10 14.68 9.88 1.28
C3' A6C N 10 13.06 11.27 2.40
O3' A6C N 10 13.99 12.32 2.34
C4' A6C N 10 13.09 10.60 3.80
O4' A6C N 10 12.31 9.41 3.83
C5' A6C N 10 12.46 11.47 4.87
O5' A6C N 10 11.06 11.52 4.66
C6' A6C N 10 12.64 8.46 2.81
OP1 A6C N 10 10.55 13.18 6.56
OP2 A6C N 10 8.75 12.17 5.11
P PO4 N 11 13.60 13.72 1.66
O1 PO4 N 11 13.45 13.26 0.14
O2 PO4 N 11 14.73 14.66 1.79
O3 PO4 N 11 12.30 14.20 2.15
N1 A6C O 1 11.41 11.58 -3.48
C2 A6C O 1 10.50 11.66 -4.52
O2 A6C O 1 10.94 11.57 -5.67
N3 A6C O 1 9.19 11.80 -4.25
C4 A6C O 1 8.80 11.92 -2.98
N4 A6C O 1 7.50 12.06 -2.80
C5 A6C O 1 9.71 11.81 -1.88
C6 A6C O 1 11.00 11.66 -2.18
C1' A6C O 1 12.83 11.38 -3.82
C2' A6C O 1 13.59 12.64 -4.27
O2' A6C O 1 14.85 12.21 -4.82
C3' A6C O 1 13.85 13.49 -3.08
O3' A6C O 1 14.77 14.48 -3.32
C4' A6C O 1 14.56 12.75 -1.96
O4' A6C O 1 13.90 11.53 -1.61
C5' A6C O 1 14.64 13.61 -0.74
O5' A6C O 1 15.27 12.78 0.19
C6' A6C O 1 13.59 10.67 -2.72
P A6C O 2 14.32 15.97 -3.10
N1 A6C O 2 10.50 14.75 -7.13
C2 A6C O 2 9.21 14.83 -7.64
O2 A6C O 2 9.06 14.81 -8.88
N3 A6C O 2 8.17 14.92 -6.76
C4 A6C O 2 8.44 14.94 -5.45
N4 A6C O 2 7.43 15.04 -4.59
C5 A6C O 2 9.77 14.86 -4.95
C6 A6C O 2 10.77 14.77 -5.80
C1' A6C O 2 11.63 14.65 -8.05
C2' A6C O 2 12.17 16.04 -8.46
O2' A6C O 2 12.99 15.86 -9.61
C3' A6C O 2 13.00 16.68 -7.38
O3' A6C O 2 13.56 17.95 -7.72
C4' A6C O 2 14.12 15.70 -6.93
O4' A6C O 2 13.61 14.40 -6.61
C5' A6C O 2 14.79 16.16 -5.65
O5' A6C O 2 13.85 16.25 -4.60
C6' A6C O 2 12.73 13.76 -7.55
OP1 A6C O 2 15.55 16.76 -2.82
OP2 A6C O 2 13.12 16.06 -2.24
P A6G O 3 12.70 19.29 -7.54
N1 A6G O 3 4.17 18.52 -7.66
C2 A6G O 3 4.19 18.64 -9.04
N2 A6G O 3 3.01 18.87 -9.65
N3 A6G O 3 5.28 18.54 -9.79
C4 A6G O 3 6.39 18.32 -9.06
C5 A6G O 3 6.48 18.17 -7.69
C6 A6G O 3 5.32 18.28 -6.90
O6 A6G O 3 5.27 18.18 -5.68
N7 A6G O 3 7.79 17.94 -7.31
C8 A6G O 3 8.46 17.94 -8.44
N9 A6G O 3 7.66 18.17 -9.53
C1' A6G O 3 8.04 18.23 -10.95
C2' A6G O 3 8.35 19.68 -11.41
O2' A6G O 3 8.40 19.67 -12.84
C3' A6G O 3 9.69 20.16 -10.91
O3' A6G O 3 10.10 21.37 -11.55
C4' A6G O 3 10.81 19.09 -11.05
O4' A6G O 3 10.39 17.78 -10.69
C5' A6G O 3 11.96 19.40 -10.10
O5' A6G O 3 11.62 19.15 -8.73
C6' A6G O 3 9.20 17.34 -11.34
OP1 A6G O 3 13.60 20.41 -7.86
OP2 A6G O 3 11.91 19.34 -6.30
P A6U O 4 9.76 22.86 -11.02
N1 A6U O 4 4.17 22.13 -9.56
C2 A6U O 4 3.11 22.18 -8.70
O2 A6U O 4 1.99 22.41 -9.08
N3 A6U O 4 3.43 21.98 -7.38
C4 A6U O 4 4.67 21.72 -6.86
O4 A6U O 4 4.80 21.57 -5.66
C5 A6U O 4 5.74 21.68 -7.84
C6 A6U O 4 5.47 21.89 -9.11
C1' A6U O 4 3.92 22.33 -11.03
C2' A6U O 4 4.06 23.79 -11.54
O2' A6U O 4 3.33 23.94 -12.77
C3' A6U O 4 5.51 24.16 -11.78
O3' A6U O 4 5.71 25.44 -12.34
C4' A6U O 4 6.23 23.13 -12.65
O4' A6U O 4 6.10 21.85 -12.05
C5' A6U O 4 7.72 23.34 -12.65
O5' A6U O 4 8.21 23.01 -11.35
C6' A6U O 4 4.73 21.43 -11.94
OP1 A6U O 4 10.57 23.84 -11.78
OP2 A6U O 4 9.94 22.79 -9.56
P A6A O 5 5.99 26.77 -11.49
N1 A6A O 5 0.94 25.22 -4.46
C2 A6A O 5 -0.07 25.58 -5.24
N3 A6A O 5 -0.10 25.86 -6.54
C4 A6A O 5 1.10 25.73 -7.08
C5 A6A O 5 2.24 25.37 -6.43
C6 A6A O 5 2.16 25.10 -5.04
N6 A6A O 5 3.25 24.74 -4.34
N7 A6A O 5 3.31 25.34 -7.30
C8 A6A O 5 2.80 25.67 -8.47
N9 A6A O 5 1.44 25.92 -8.39
C1' A6A O 5 0.51 26.35 -9.44
C2' A6A O 5 0.61 27.88 -9.57
O2' A6A O 5 -0.43 28.38 -10.41
C3' A6A O 5 1.89 28.30 -10.24
O3' A6A O 5 1.83 29.67 -10.56
C4' A6A O 5 2.14 27.52 -11.54
O4' A6A O 5 1.98 26.10 -11.39
C5' A6A O 5 3.55 27.71 -12.07
O5' A6A O 5 4.53 27.30 -11.12
C6' A6A O 5 0.73 25.73 -10.81
OP1 A6A O 5 6.67 27.72 -12.40
OP2 A6A O 5 6.65 26.40 -10.22
P A6A O 6 2.35 30.84 -9.62
N1 A6A O 6 1.87 28.07 -1.19
C2 A6A O 6 0.60 28.49 -1.17
N3 A6A O 6 -0.15 28.93 -2.19
C4 A6A O 6 0.53 28.89 -3.34
C5 A6A O 6 1.83 28.49 -3.51
C6 A6A O 6 2.52 28.05 -2.38
N6 A6A O 6 3.79 27.63 -2.41
N7 A6A O 6 2.21 28.60 -4.84
C8 A6A O 6 1.14 29.06 -5.45
N9 A6A O 6 0.09 29.28 -4.60
C1' A6A O 6 -1.24 29.79 -4.99
C2' A6A O 6 -1.24 31.32 -4.99
O2' A6A O 6 -2.59 31.77 -4.95
C3' A6A O 6 -0.59 31.91 -6.22
O3' A6A O 6 -0.87 33.27 -6.32
C4' A6A O 6 -1.02 31.23 -7.55
O4' A6A O 6 -1.05 29.80 -7.44
C5' A6A O 6 -0.08 31.54 -8.70
O5' A6A O 6 1.23 31.02 -8.47
C6' A6A O 6 -1.79 29.29 -6.33
OP1 A6A O 6 2.42 32.08 -10.44
OP2 A6A O 6 3.59 30.36 -8.96
P A6U O 7 0.04 34.36 -5.63
N1 A6U O 7 0.56 32.17 -0.40
C2 A6U O 7 1.42 31.87 0.63
O2 A6U O 7 1.14 32.05 1.81
N3 A6U O 7 2.63 31.36 0.27
C4 A6U O 7 3.06 31.12 -1.04
O4 A6U O 7 4.17 30.66 -1.24
C5 A6U O 7 2.11 31.45 -2.07
C6 A6U O 7 0.92 31.96 -1.73
C1' A6U O 7 -0.78 32.71 -0.06
C2' A6U O 7 -0.73 34.23 0.18
O2' A6U O 7 -1.93 34.53 0.90
C3' A6U O 7 -0.71 34.98 -1.13
O3' A6U O 7 -0.97 36.34 -0.94
C4' A6U O 7 -1.75 34.44 -2.14
O4' A6U O 7 -1.62 33.03 -2.30
C5' A6U O 7 -1.47 34.97 -3.54
O5' A6U O 7 -0.26 34.42 -4.04
C6' A6U O 7 -1.87 32.36 -1.06
OP1 A6U O 7 -0.34 35.67 -6.21
OP2 A6U O 7 1.46 33.97 -5.76
P A6G O 8 0.20 37.43 -0.99
N1 A6G O 8 6.37 33.18 3.47
C2 A6G O 8 5.76 33.61 4.63
N2 A6G O 8 6.42 33.39 5.77
N3 A6G O 8 4.58 34.20 4.67
C4 A6G O 8 4.03 34.34 3.43
C5 A6G O 8 4.56 33.95 2.22
C6 A6G O 8 5.83 33.32 2.19
O6 A6G O 8 6.49 32.89 1.24
N7 A6G O 8 3.68 34.28 1.19
C8 A6G O 8 2.67 34.84 1.79
N9 A6G O 8 2.82 34.92 3.16
C1' A6G O 8 1.88 35.46 4.14
C2' A6G O 8 2.17 36.95 4.39
O2' A6G O 8 1.46 37.38 5.56
C3' A6G O 8 1.71 37.80 3.25
O3' A6G O 8 1.75 39.16 3.58
C4' A6G O 8 0.26 37.49 2.84
O4' A6G O 8 0.13 36.11 2.58
C5' A6G O 8 -0.03 38.16 1.52
O5' A6G O 8 0.72 37.50 0.52
C6' A6G O 8 0.43 35.31 3.74
OP1 A6G O 8 -0.43 38.72 -1.34
OP2 A6G O 8 1.32 36.94 -1.83
P A6C O 9 2.94 40.10 3.15
N1 A6C O 9 7.32 36.73 4.89
C2 A6C O 9 8.56 36.14 4.64
O2 A6C O 9 9.38 36.06 5.58
N3 A6C O 9 8.83 35.71 3.38
C4 A6C O 9 7.91 35.83 2.42
N4 A6C O 9 8.18 35.40 1.20
C5 A6C O 9 6.64 36.42 2.69
C6 A6C O 9 6.39 36.86 3.91
C1' A6C O 9 7.01 37.21 6.25
C2' A6C O 9 7.40 38.66 6.54
O2' A6C O 9 7.44 38.81 7.96
C3' A6C O 9 6.38 39.60 5.96
O3' A6C O 9 6.64 40.92 6.34
C4' A6C O 9 4.93 39.23 6.37
O4' A6C O 9 4.65 37.87 6.06
C5' A6C O 9 3.95 40.02 5.54
O5' A6C O 9 4.12 39.74 4.16
C6' A6C O 9 5.58 36.95 6.66
OP1 A6C O 9 2.53 41.49 3.41
OP2 A6C O 9 3.41 39.72 1.81
P A6C O 10 7.65 41.85 5.52
N1 A6C O 10 12.10 38.51 5.00
C2 A6C O 10 13.02 37.95 4.11
O2 A6C O 10 14.14 37.58 4.51
N3 A6C O 10 12.68 37.79 2.81
C4 A6C O 10 11.50 38.21 2.38
N4 A6C O 10 11.20 38.06 1.09
C5 A6C O 10 10.53 38.78 3.27
C6 A6C O 10 10.86 38.92 4.55
C1' A6C O 10 12.44 38.65 6.43
C2' A6C O 10 13.04 40.01 6.84
O2' A6C O 10 13.63 39.81 8.14
C3' A6C O 10 11.94 41.05 6.89
O3' A6C O 10 12.45 42.28 7.30
C4' A6C O 10 10.69 40.62 7.70
O4' A6C O 10 10.25 39.31 7.37
C5' A6C O 10 9.49 41.51 7.40
O5' A6C O 10 9.07 41.34 6.06
C6' A6C O 10 11.30 38.32 7.37
OP1 A6C O 10 7.46 43.24 5.95
OP2 A6C O 10 7.50 41.49 4.11
P PO4 O 11 12.65 43.37 6.15
O1 PO4 O 11 14.21 43.39 5.85
O2 PO4 O 11 12.27 44.64 6.81
O3 PO4 O 11 11.94 42.92 4.93
N1 A6C S 1 -21.48 -74.10 -2.65
C2 A6C S 1 -21.88 -74.21 -1.30
O2 A6C S 1 -23.04 -73.93 -0.96
N3 A6C S 1 -20.95 -74.61 -0.40
C4 A6C S 1 -19.71 -74.89 -0.77
N4 A6C S 1 -18.85 -75.27 0.18
C5 A6C S 1 -19.28 -74.80 -2.12
C6 A6C S 1 -20.21 -74.41 -3.01
C1' A6C S 1 -22.45 -73.69 -3.70
C2' A6C S 1 -22.67 -72.16 -3.81
O2' A6C S 1 -23.87 -71.94 -4.56
C3' A6C S 1 -21.56 -71.45 -4.55
O3' A6C S 1 -21.91 -70.11 -4.83
C4' A6C S 1 -21.18 -72.23 -5.83
O4' A6C S 1 -20.96 -73.63 -5.61
C5' A6C S 1 -19.90 -71.68 -6.45
O5' A6C S 1 -18.73 -72.02 -5.72
C6' A6C S 1 -22.13 -74.26 -5.06
P A6C S 2 -21.35 -68.87 -3.98
N1 A6C S 2 -23.15 -70.89 1.04
C2 A6C S 2 -22.89 -71.24 2.38
O2 A6C S 2 -23.80 -71.15 3.19
N3 A6C S 2 -21.65 -71.68 2.73
C4 A6C S 2 -20.69 -71.75 1.81
N4 A6C S 2 -19.50 -72.20 2.22
C5 A6C S 2 -20.93 -71.40 0.45
C6 A6C S 2 -22.15 -70.97 0.11
C1' A6C S 2 -24.51 -70.42 0.67
C2' A6C S 2 -24.81 -68.91 0.75
O2' A6C S 2 -26.24 -68.74 0.75
C3' A6C S 2 -24.21 -68.18 -0.44
O3' A6C S 2 -24.56 -66.81 -0.47
C4' A6C S 2 -24.56 -68.86 -1.77
O4' A6C S 2 -24.32 -70.28 -1.76
C5' A6C S 2 -23.69 -68.33 -2.88
O5' A6C S 2 -22.36 -68.81 -2.74
C6' A6C S 2 -24.97 -70.95 -0.67
OP1 A6C S 2 -21.49 -67.63 -4.77
OP2 A6C S 2 -20.02 -69.26 -3.49
P A6G S 3 -23.61 -65.63 0.08
N1 A6G S 3 -19.35 -69.14 7.27
C2 A6G S 3 -20.40 -68.65 8.01
N2 A6G S 3 -20.22 -68.61 9.34
N3 A6G S 3 -21.54 -68.25 7.50
C4 A6G S 3 -21.57 -68.36 6.14
C5 A6G S 3 -20.58 -68.84 5.30
C6 A6G S 3 -19.36 -69.25 5.87
O6 A6G S 3 -18.36 -69.69 5.30
N7 A6G S 3 -21.03 -68.78 3.98
C8 A6G S 3 -22.25 -68.31 4.04
N9 A6G S 3 -22.64 -68.01 5.33
C1' A6G S 3 -23.94 -67.50 5.71
C2' A6G S 3 -23.94 -65.95 5.87
O2' A6G S 3 -25.13 -65.61 6.58
C3' A6G S 3 -23.99 -65.21 4.56
O3' A6G S 3 -24.23 -63.83 4.77
C4' A6G S 3 -25.12 -65.78 3.68
O4' A6G S 3 -24.98 -67.20 3.53
C5' A6G S 3 -25.03 -65.26 2.26
O5' A6G S 3 -23.84 -65.74 1.67
C6' A6G S 3 -25.06 -67.91 4.77
OP1 A6G S 3 -24.10 -64.32 -0.40
OP2 A6G S 3 -22.20 -66.02 -0.17
P A6U S 4 -23.17 -62.65 4.56
N1 A6U S 4 -19.97 -65.28 8.53
C2 A6U S 4 -18.78 -65.78 9.01
O2 A6U S 4 -18.55 -65.82 10.20
N3 A6U S 4 -17.90 -66.19 8.06
C4 A6U S 4 -18.08 -66.16 6.69
O4 A6U S 4 -17.21 -66.57 5.96
C5 A6U S 4 -19.35 -65.64 6.26
C6 A6U S 4 -20.23 -65.22 7.17
C1' A6U S 4 -20.98 -64.80 9.49
C2' A6U S 4 -20.75 -63.32 9.85
O2' A6U S 4 -21.54 -63.06 11.01
C3' A6U S 4 -21.22 -62.36 8.77
O3' A6U S 4 -21.18 -61.01 9.19
C4' A6U S 4 -22.66 -62.71 8.33
O4' A6U S 4 -22.76 -64.09 8.00
C5' A6U S 4 -23.05 -61.97 7.08
O5' A6U S 4 -22.42 -62.56 5.97
C6' A6U S 4 -22.43 -64.97 9.08
OP1 A6U S 4 -23.90 -61.40 4.26
OP2 A6U S 4 -22.14 -63.16 3.63
P A6A S 5 -20.02 -59.96 8.82
N1 A6A S 5 -12.66 -64.69 8.42
C2 A6A S 5 -12.62 -64.57 9.75
N3 A6A S 5 -13.56 -64.18 10.62
C4 A6A S 5 -14.68 -63.84 9.97
C5 A6A S 5 -14.89 -63.91 8.61
C6 A6A S 5 -13.83 -64.36 7.82
N6 A6A S 5 -13.92 -64.44 6.49
N7 A6A S 5 -16.18 -63.51 8.29
C8 A6A S 5 -16.72 -63.21 9.45
N9 A6A S 5 -15.86 -63.41 10.51
C1' A6A S 5 -16.14 -63.15 11.92
C2' A6A S 5 -15.68 -61.71 12.23
O2' A6A S 5 -15.54 -61.53 13.64
C3' A6A S 5 -16.64 -60.68 11.72
O3' A6A S 5 -16.33 -59.42 12.28
C4' A6A S 5 -18.12 -61.02 12.02
O4' A6A S 5 -18.42 -62.36 11.65
C5' A6A S 5 -19.06 -60.12 11.26
O5' A6A S 5 -18.84 -60.26 9.87
C6' A6A S 5 -17.59 -63.32 12.32
OP1 A6A S 5 -20.61 -58.62 9.03
OP2 A6A S 5 -19.49 -60.32 7.48
P A6A S 6 -15.47 -58.30 11.53
N1 A6A S 6 -9.32 -62.82 7.04
C2 A6A S 6 -8.61 -62.94 8.16
N3 A6A S 6 -8.99 -62.57 9.38
C4 A6A S 6 -10.22 -62.04 9.40
C5 A6A S 6 -11.06 -61.86 8.32
C6 A6A S 6 -10.56 -62.30 7.07
N6 A6A S 6 -11.24 -62.19 5.93
N7 A6A S 6 -12.26 -61.29 8.71
C8 A6A S 6 -12.12 -61.13 10.00
N9 A6A S 6 -10.92 -61.56 10.49
C1' A6A S 6 -10.50 -61.50 11.91
C2' A6A S 6 -9.98 -60.09 12.28
O2' A6A S 6 -9.27 -60.18 13.52
C3' A6A S 6 -11.10 -59.10 12.50
O3' A6A S 6 -10.62 -57.88 13.05
C4' A6A S 6 -12.24 -59.65 13.37
O4' A6A S 6 -12.64 -60.97 12.94
C5' A6A S 6 -13.51 -58.83 13.27
O5' A6A S 6 -13.96 -58.70 11.93
C6' A6A S 6 -11.56 -61.90 12.92
OP1 A6A S 6 -15.82 -56.96 12.05
OP2 A6A S 6 -15.61 -58.58 10.09
P A6U S 7 -10.30 -56.58 12.15
N1 A6U S 7 -6.92 -59.39 8.59
C2 A6U S 7 -6.62 -59.82 7.32
O2 A6U S 7 -5.51 -60.21 7.02
N3 A6U S 7 -7.66 -59.75 6.44
C4 A6U S 7 -8.95 -59.32 6.70
O4 A6U S 7 -9.78 -59.32 5.80
C5 A6U S 7 -9.20 -58.89 8.06
C6 A6U S 7 -8.19 -58.94 8.94
C1' A6U S 7 -5.84 -59.41 9.62
C2' A6U S 7 -5.11 -58.05 9.69
O2' A6U S 7 -3.88 -58.25 10.38
C3' A6U S 7 -5.89 -56.98 10.42
O3' A6U S 7 -5.12 -55.82 10.67
C4' A6U S 7 -6.57 -57.51 11.72
O4' A6U S 7 -7.18 -58.80 11.56
C5' A6U S 7 -7.68 -56.62 12.22
O5' A6U S 7 -8.87 -56.85 11.49
C6' A6U S 7 -6.32 -59.80 11.00
OP1 A6U S 7 -10.22 -55.38 13.01
OP2 A6U S 7 -11.24 -56.57 11.00
P A6G S 8 -5.01 -54.58 9.65
N1 A6G S 8 -6.11 -57.63 1.19
C2 A6G S 8 -4.76 -57.94 1.14
N2 A6G S 8 -4.29 -58.23 -0.07
N3 A6G S 8 -3.95 -57.95 2.20
C4 A6G S 8 -4.60 -57.63 3.34
C5 A6G S 8 -5.92 -57.31 3.48
C6 A6G S 8 -6.78 -57.29 2.36
O6 A6G S 8 -8.00 -57.02 2.32
N7 A6G S 8 -6.21 -57.03 4.80
C8 A6G S 8 -5.08 -57.19 5.44
N9 A6G S 8 -4.05 -57.56 4.61
C1' A6G S 8 -2.67 -57.79 5.00
C2' A6G S 8 -1.89 -56.45 4.95
O2' A6G S 8 -0.51 -56.81 5.00
C3' A6G S 8 -2.22 -55.54 6.12
O3' A6G S 8 -1.42 -54.36 6.17
C4' A6G S 8 -2.18 -56.32 7.47
O4' A6G S 8 -2.90 -57.56 7.42
C5' A6G S 8 -2.78 -55.50 8.61
O5' A6G S 8 -4.15 -55.19 8.43
C6' A6G S 8 -2.51 -58.44 6.37
OP1 A6G S 8 -4.24 -53.49 10.30
OP2 A6G S 8 -6.35 -54.30 9.11
P A6C S 9 -1.78 -52.90 5.56
N1 A6C S 9 -3.73 -54.69 0.46
C2 A6C S 9 -4.71 -54.53 -0.53
O2 A6C S 9 -4.36 -54.59 -1.72
N3 A6C S 9 -6.02 -54.34 -0.20
C4 A6C S 9 -6.36 -54.28 1.10
N4 A6C S 9 -7.63 -54.09 1.43
C5 A6C S 9 -5.37 -54.43 2.13
C6 A6C S 9 -4.10 -54.61 1.78
C1' A6C S 9 -2.31 -54.90 0.05
C2' A6C S 9 -1.58 -53.59 -0.30
O2' A6C S 9 -0.43 -53.94 -1.06
C3' A6C S 9 -1.12 -52.89 0.96
O3' A6C S 9 -0.30 -51.76 0.68
C4' A6C S 9 -0.43 -53.83 1.97
O4' A6C S 9 -1.25 -54.97 2.20
C5' A6C S 9 -0.29 -53.22 3.35
O5' A6C S 9 -1.55 -53.21 3.98
C6' A6C S 9 -1.47 -55.73 1.01
OP1 A6C S 9 -0.68 -52.01 6.02
OP2 A6C S 9 -3.18 -52.52 5.79
P A6C S 10 -0.91 -50.29 0.80
N1 A6C S 10 -4.95 -51.21 -3.24
C2 A6C S 10 -6.26 -51.29 -3.71
O2 A6C S 10 -6.45 -51.33 -4.93
N3 A6C S 10 -7.27 -51.34 -2.80
C4 A6C S 10 -7.00 -51.27 -1.50
N4 A6C S 10 -8.04 -51.31 -0.65
C5 A6C S 10 -5.66 -51.19 -1.00
C6 A6C S 10 -4.66 -51.16 -1.90
C1' A6C S 10 -3.83 -51.18 -4.22
C2' A6C S 10 -3.31 -49.78 -4.62
O2' A6C S 10 -2.49 -49.81 -5.82
C3' A6C S 10 -2.44 -49.29 -3.50
O3' A6C S 10 -1.80 -48.17 -3.98
C4' A6C S 10 -1.29 -50.20 -3.09
O4' A6C S 10 -1.76 -51.53 -2.87
C5' A6C S 10 -0.70 -49.68 -1.78
O5' A6C S 10 -1.51 -50.04 -0.69
C6' A6C S 10 -2.65 -52.05 -3.88
OP1 A6C S 10 0.14 -49.31 1.09
OP2 A6C S 10 -2.12 -50.29 1.64
P PO4 S 11 -2.65 -46.93 -3.70
O1 PO4 S 11 -3.65 -46.70 -4.87
O2 PO4 S 11 -1.65 -45.89 -3.96
O3 PO4 S 11 -3.33 -47.07 -2.40
N1 A6C T 1 -7.68 -48.22 -6.07
C2 A6C T 1 -9.06 -48.26 -5.81
O2 A6C T 1 -9.85 -48.15 -6.78
N3 A6C T 1 -9.47 -48.38 -4.51
C4 A6C T 1 -8.57 -48.47 -3.51
N4 A6C T 1 -9.03 -48.60 -2.26
C5 A6C T 1 -7.18 -48.44 -3.79
C6 A6C T 1 -6.76 -48.32 -5.06
C1' A6C T 1 -7.20 -48.12 -7.46
C2' A6C T 1 -6.99 -46.66 -7.87
O2' A6C T 1 -6.78 -46.48 -9.28
C3' A6C T 1 -5.78 -46.11 -7.16
O3' A6C T 1 -5.47 -44.87 -7.70
C4' A6C T 1 -4.53 -46.99 -7.31
O4' A6C T 1 -4.85 -48.31 -6.86
C5' A6C T 1 -3.35 -46.53 -6.48
O5' A6C T 1 -3.32 -47.05 -5.16
C6' A6C T 1 -5.90 -48.87 -7.65
P A6C T 2 -6.16 -43.62 -7.04
N1 A6C T 2 -11.42 -44.79 -6.43
C2 A6C T 2 -12.44 -44.70 -5.48
O2 A6C T 2 -13.53 -44.44 -5.97
N3 A6C T 2 -12.21 -44.88 -4.14
C4 A6C T 2 -10.95 -45.15 -3.73
N4 A6C T 2 -10.70 -45.33 -2.42
C5 A6C T 2 -9.91 -45.25 -4.70
C6 A6C T 2 -10.15 -45.06 -6.00
C1' A6C T 2 -11.76 -44.59 -7.87
C2' A6C T 2 -11.69 -43.13 -8.31
O2' A6C T 2 -12.33 -43.01 -9.57
C3' A6C T 2 -10.25 -42.73 -8.42
O3' A6C T 2 -10.13 -41.46 -8.99
C4' A6C T 2 -9.38 -43.66 -9.29
O4' A6C T 2 -9.60 -45.02 -8.89
C5' A6C T 2 -7.91 -43.38 -9.03
O5' A6C T 2 -7.63 -43.54 -7.66
C6' A6C T 2 -10.96 -45.46 -8.82
OP1 A6C T 2 -5.35 -42.51 -7.53
OP2 A6C T 2 -6.33 -43.83 -5.60
P A6G T 3 -9.85 -40.19 -8.05
N1 A6G T 3 -14.54 -41.50 -0.93
C2 A6G T 3 -15.67 -41.11 -1.58
N2 A6G T 3 -16.76 -41.00 -0.83
N3 A6G T 3 -15.71 -40.88 -2.88
C4 A6G T 3 -14.51 -41.06 -3.46
C5 A6G T 3 -13.33 -41.44 -2.87
C6 A6G T 3 -13.28 -41.69 -1.49
O6 A6G T 3 -12.32 -42.06 -0.78
N7 A6G T 3 -12.31 -41.52 -3.82
C8 A6G T 3 -12.90 -41.18 -4.92
N9 A6G T 3 -14.24 -40.90 -4.80
C1' A6G T 3 -15.20 -40.44 -5.81
C2' A6G T 3 -15.10 -38.89 -5.91
O2' A6G T 3 -16.15 -38.40 -6.73
C3' A6G T 3 -13.82 -38.44 -6.58
O3' A6G T 3 -13.86 -37.08 -6.85
C4' A6G T 3 -13.58 -39.17 -7.93
O4' A6G T 3 -13.81 -40.57 -7.83
C5' A6G T 3 -12.17 -39.00 -8.47
O5' A6G T 3 -11.27 -39.67 -7.63
C6' A6G T 3 -15.05 -40.96 -7.23
OP1 A6G T 3 -9.24 -39.13 -8.91
OP2 A6G T 3 -9.12 -40.57 -6.82
P A6U T 4 -13.24 -36.06 -5.82
N1 A6U T 4 -15.39 -37.65 -1.07
C2 A6U T 4 -15.13 -37.88 0.27
O2 A6U T 4 -15.98 -37.68 1.11
N3 A6U T 4 -13.90 -38.35 0.62
C4 A6U T 4 -12.87 -38.59 -0.30
O4 A6U T 4 -11.80 -39.00 0.11
C5 A6U T 4 -13.20 -38.33 -1.68
C6 A6U T 4 -14.42 -37.90 -2.02
C1' A6U T 4 -16.75 -37.20 -1.43
C2' A6U T 4 -16.94 -35.67 -1.41
O2' A6U T 4 -18.35 -35.42 -1.46
C3' A6U T 4 -16.25 -35.01 -2.58
O3' A6U T 4 -16.50 -33.60 -2.68
C4' A6U T 4 -16.67 -35.69 -3.91
O4' A6U T 4 -16.57 -37.12 -3.87
C5' A6U T 4 -15.78 -35.36 -5.10
O5' A6U T 4 -14.42 -35.70 -4.80
C6' A6U T 4 -17.24 -37.74 -2.76
OP1 A6U T 4 -13.02 -34.82 -6.55
OP2 A6U T 4 -12.17 -36.67 -5.02
P A6A T 5 -15.61 -32.38 -2.11
N1 A6A T 5 -11.91 -35.96 5.33
C2 A6A T 5 -13.05 -35.58 5.91
N3 A6A T 5 -14.20 -35.15 5.39
C4 A6A T 5 -14.11 -35.08 4.07
C5 A6A T 5 -13.00 -35.44 3.31
C6 A6A T 5 -11.84 -35.89 3.99
N6 A6A T 5 -10.72 -36.27 3.39
N7 A6A T 5 -13.30 -35.22 1.98
C8 A6A T 5 -14.55 -34.78 1.97
N9 A6A T 5 -15.10 -34.67 3.20
C1' A6A T 5 -16.44 -34.21 3.57
C2' A6A T 5 -16.41 -32.68 3.69
O2' A6A T 5 -17.59 -32.31 4.42
C3' A6A T 5 -16.36 -32.06 2.32
O3' A6A T 5 -16.56 -30.66 2.38
C4' A6A T 5 -17.47 -32.60 1.39
O4' A6A T 5 -17.43 -34.03 1.34
C5' A6A T 5 -17.29 -32.15 -0.05
O5' A6A T 5 -15.95 -32.30 -0.55
C6' A6A T 5 -17.57 -34.64 2.64
OP1 A6A T 5 -16.18 -31.23 -2.82
OP2 A6A T 5 -14.18 -32.62 -2.29
P A6A T 6 -15.44 -29.53 2.40
N1 A6A T 6 -9.02 -33.65 6.51
C2 A6A T 6 -9.60 -33.31 7.66
N3 A6A T 6 -10.78 -32.74 7.85
C4 A6A T 6 -11.39 -32.51 6.67
C5 A6A T 6 -10.93 -32.80 5.40
C6 A6A T 6 -9.65 -33.41 5.34
N6 A6A T 6 -9.01 -33.81 4.24
N7 A6A T 6 -11.87 -32.43 4.44
C8 A6A T 6 -12.86 -31.91 5.13
N9 A6A T 6 -12.65 -31.93 6.48
C1' A6A T 6 -13.56 -31.46 7.54
C2' A6A T 6 -13.34 -29.96 7.80
O2' A6A T 6 -14.03 -29.61 9.02
C3' A6A T 6 -13.85 -29.13 6.65
O3' A6A T 6 -13.75 -27.76 6.97
C4' A6A T 6 -15.31 -29.50 6.29
O4' A6A T 6 -15.50 -30.90 6.16
C5' A6A T 6 -15.81 -29.00 4.95
O5' A6A T 6 -14.95 -29.41 3.91
C6' A6A T 6 -15.04 -31.70 7.26
OP1 A6A T 6 -16.26 -28.33 2.08
OP2 A6A T 6 -14.21 -29.89 1.68
P A6U T 7 -12.51 -26.79 6.68
N1 A6U T 7 -8.22 -30.10 8.17
C2 A6U T 7 -6.95 -30.54 7.82
O2 A6U T 7 -6.06 -30.70 8.67
N3 A6U T 7 -6.78 -30.79 6.47
C4 A6U T 7 -7.72 -30.64 5.47
O4 A6U T 7 -7.39 -30.92 4.31
C5 A6U T 7 -8.99 -30.18 5.92
C6 A6U T 7 -9.19 -29.93 7.22
C1' A6U T 7 -8.52 -29.83 9.60
C2' A6U T 7 -8.12 -28.40 9.98
O2' A6U T 7 -8.09 -28.32 11.40
C3' A6U T 7 -9.11 -27.39 9.50
O3' A6U T 7 -8.81 -26.07 9.95
C4' A6U T 7 -10.54 -27.76 9.94
O4' A6U T 7 -10.90 -29.11 9.65
C5' A6U T 7 -11.56 -26.96 9.15
O5' A6U T 7 -11.40 -27.17 7.77
C6' A6U T 7 -9.95 -30.15 9.99
OP1 A6U T 7 -13.01 -25.41 6.89
OP2 A6U T 7 -11.94 -27.15 5.39
P A6G T 8 -7.85 -25.03 9.23
N1 A6G T 8 -1.44 -29.55 5.11
C2 A6G T 8 -0.77 -29.56 6.31
N2 A6G T 8 0.51 -29.98 6.28
N3 A6G T 8 -1.30 -29.19 7.47
C4 A6G T 8 -2.57 -28.76 7.35
C5 A6G T 8 -3.33 -28.73 6.21
C6 A6G T 8 -2.77 -29.16 4.98
O6 A6G T 8 -3.34 -29.17 3.87
N7 A6G T 8 -4.60 -28.27 6.47
C8 A6G T 8 -4.60 -28.03 7.75
N9 A6G T 8 -3.39 -28.32 8.35
C1' A6G T 8 -2.99 -28.22 9.76
C2' A6G T 8 -2.40 -26.84 10.04
O2' A6G T 8 -1.75 -26.96 11.30
C3' A6G T 8 -3.49 -25.78 10.16
O3' A6G T 8 -2.97 -24.53 10.61
C4' A6G T 8 -4.64 -26.25 11.09
O4' A6G T 8 -5.12 -27.57 10.77
C5' A6G T 8 -5.85 -25.35 11.03
O5' A6G T 8 -6.37 -25.42 9.71
C6' A6G T 8 -4.08 -28.55 10.76
OP1 A6G T 8 -8.25 -23.71 9.70
OP2 A6G T 8 -7.79 -25.39 7.80
P A6C T 9 -2.72 -23.18 9.75
N1 A6C T 9 0.64 -26.21 6.57
C2 A6C T 9 1.01 -26.57 5.28
O2 A6C T 9 2.22 -26.82 5.08
N3 A6C T 9 0.05 -26.65 4.34
C4 A6C T 9 -1.23 -26.35 4.62
N4 A6C T 9 -2.12 -26.44 3.64
C5 A6C T 9 -1.63 -25.96 5.94
C6 A6C T 9 -0.66 -25.89 6.86
C1' A6C T 9 1.72 -26.13 7.58
C2' A6C T 9 2.48 -24.79 7.68
O2' A6C T 9 3.63 -24.92 8.55
C3' A6C T 9 1.57 -23.76 8.28
O3' A6C T 9 2.28 -22.57 8.47
C4' A6C T 9 0.99 -24.22 9.64
O4' A6C T 9 0.40 -25.51 9.56
C5' A6C T 9 -0.13 -23.30 10.11
O5' A6C T 9 -1.21 -23.33 9.19
C6' A6C T 9 1.23 -26.53 8.97
OP1 A6C T 9 -2.84 -22.02 10.68
OP2 A6C T 9 -3.59 -23.19 8.57
P A6C T 10 2.34 -21.51 7.29
N1 A6C T 10 3.28 -24.16 2.68
C2 A6C T 10 2.88 -24.36 1.35
O2 A6C T 10 3.73 -24.71 0.49
N3 A6C T 10 1.57 -24.14 1.04
C4 A6C T 10 0.69 -23.76 1.98
N4 A6C T 10 -0.58 -23.56 1.62
C5 A6C T 10 1.08 -23.56 3.34
C6 A6C T 10 2.37 -23.78 3.64
C1' A6C T 10 4.69 -24.40 3.04
C2' A6C T 10 5.57 -23.14 2.90
O2' A6C T 10 6.94 -23.57 2.87
C3' A6C T 10 5.36 -22.18 4.04
O3' A6C T 10 6.22 -21.06 3.93
C4' A6C T 10 5.41 -22.88 5.43
O4' A6C T 10 4.63 -24.07 5.47
C5' A6C T 10 4.73 -22.02 6.48
O5' A6C T 10 3.35 -22.07 6.21
C6' A6C T 10 4.93 -25.01 4.41
OP1 A6C T 10 2.94 -20.36 7.97
OP2 A6C T 10 0.98 -21.26 6.86
P PO4 T 11 5.80 -19.63 3.26
O1 PO4 T 11 5.84 -19.85 1.67
O2 PO4 T 11 6.83 -18.64 3.65
O3 PO4 T 11 4.43 -19.22 3.60
N1 A6C U 1 4.12 -21.38 -1.61
C2 A6C U 1 3.17 -21.42 -2.63
O2 A6C U 1 3.56 -21.50 -3.80
N3 A6C U 1 1.85 -21.35 -2.31
C4 A6C U 1 1.49 -21.22 -1.04
N4 A6C U 1 0.17 -21.18 -0.85
C5 A6C U 1 2.48 -21.18 0.00
C6 A6C U 1 3.77 -21.26 -0.31
C1' A6C U 1 5.57 -21.50 -2.01
C2' A6C U 1 6.30 -20.25 -2.51
O2' A6C U 1 7.53 -20.73 -3.09
C3' A6C U 1 6.53 -19.39 -1.28
O3' A6C U 1 7.32 -18.30 -1.64
C4' A6C U 1 7.33 -20.16 -0.22
O4' A6C U 1 6.67 -21.37 0.20
C5' A6C U 1 7.56 -19.28 0.97
O5' A6C U 1 8.01 -20.10 2.01
C6' A6C U 1 6.37 -22.21 -0.93
P A6C U 2 6.90 -16.77 -1.60
N1 A6C U 2 3.09 -18.23 -5.34
C2 A6C U 2 1.77 -18.19 -5.79
O2 A6C U 2 1.57 -18.16 -7.00
N3 A6C U 2 0.77 -18.16 -4.88
C4 A6C U 2 1.09 -18.16 -3.59
N4 A6C U 2 0.09 -18.13 -2.73
C5 A6C U 2 2.43 -18.20 -3.12
C6 A6C U 2 3.41 -18.24 -4.01
C1' A6C U 2 4.14 -18.27 -6.37
C2' A6C U 2 4.64 -16.88 -6.82
O2' A6C U 2 5.47 -17.07 -7.97
C3' A6C U 2 5.44 -16.26 -5.70
O3' A6C U 2 5.95 -14.99 -6.02
C4' A6C U 2 6.60 -17.19 -5.34
O4' A6C U 2 6.17 -18.50 -4.99
C5' A6C U 2 7.33 -16.70 -4.12
O5' A6C U 2 6.37 -16.58 -3.09
C6' A6C U 2 5.32 -19.14 -5.94
OP1 A6C U 2 8.17 -16.04 -1.37
OP2 A6C U 2 5.73 -16.67 -0.69
P A6G U 3 5.08 -13.65 -6.01
N1 A6G U 3 -3.39 -14.71 -5.76
C2 A6G U 3 -3.43 -14.59 -7.13
N2 A6G U 3 -4.61 -14.38 -7.71
N3 A6G U 3 -2.36 -14.67 -7.90
C4 A6G U 3 -1.24 -14.88 -7.17
C5 A6G U 3 -1.09 -15.02 -5.81
C6 A6G U 3 -2.23 -14.93 -5.01
O6 A6G U 3 -2.26 -15.04 -3.79
N7 A6G U 3 0.24 -15.22 -5.47
C8 A6G U 3 0.87 -15.21 -6.61
N9 A6G U 3 0.03 -15.00 -7.69
C1' A6G U 3 0.34 -14.94 -9.11
C2' A6G U 3 0.58 -13.47 -9.57
O2' A6G U 3 0.53 -13.46 -11.00
C3' A6G U 3 1.91 -12.94 -9.11
O3' A6G U 3 2.26 -11.76 -9.77
C4' A6G U 3 3.05 -13.94 -9.32
O4' A6G U 3 2.71 -15.26 -8.90
C5' A6G U 3 4.23 -13.60 -8.45
O5' A6G U 3 3.92 -13.87 -7.08
C6' A6G U 3 1.53 -15.77 -9.53
OP1 A6G U 3 6.00 -12.61 -6.47
OP2 A6G U 3 4.44 -13.50 -4.71
P A6U U 4 1.90 -10.25 -9.31
N1 A6U U 4 -3.60 -11.15 -7.73
C2 A6U U 4 -4.62 -11.13 -6.82
O2 A6U U 4 -5.77 -10.95 -7.18
N3 A6U U 4 -4.26 -11.32 -5.51
C4 A6U U 4 -2.99 -11.51 -5.02
O4 A6U U 4 -2.83 -11.66 -3.81
C5 A6U U 4 -1.97 -11.52 -6.03
C6 A6U U 4 -2.29 -11.34 -7.32
C1' A6U U 4 -3.96 -10.97 -9.15
C2' A6U U 4 -3.87 -9.51 -9.61
O2' A6U U 4 -4.58 -9.44 -10.85
C3' A6U U 4 -2.43 -9.12 -9.86
O3' A6U U 4 -2.33 -7.84 -10.45
C4' A6U U 4 -1.70 -10.11 -10.79
O4' A6U U 4 -1.79 -11.41 -10.23
C5' A6U U 4 -0.22 -9.80 -10.83
O5' A6U U 4 0.32 -10.16 -9.57
C6' A6U U 4 -3.15 -11.87 -10.07
OP1 A6U U 4 2.59 -9.26 -10.17
OP2 A6U U 4 2.16 -10.12 -7.85
P A6A U 5 -2.07 -6.50 -9.62
N1 A6A U 5 -6.70 -8.17 -2.41
C2 A6A U 5 -7.79 -7.86 -3.11
N3 A6A U 5 -7.90 -7.60 -4.41
C4 A6A U 5 -6.72 -7.66 -5.03
C5 A6A U 5 -5.52 -7.98 -4.46
C6 A6A U 5 -5.53 -8.25 -3.06
N6 A6A U 5 -4.45 -8.55 -2.35
N7 A6A U 5 -4.50 -7.96 -5.39
C8 A6A U 5 -5.11 -7.65 -6.51
N9 A6A U 5 -6.47 -7.48 -6.38
C1' A6A U 5 -7.44 -7.07 -7.40
C2' A6A U 5 -7.37 -5.54 -7.54
O2' A6A U 5 -8.45 -5.08 -8.34
C3' A6A U 5 -6.12 -5.06 -8.22
O3' A6A U 5 -6.25 -3.69 -8.52
C4' A6A U 5 -5.88 -5.84 -9.52
O4' A6A U 5 -5.99 -7.25 -9.32
C5' A6A U 5 -4.49 -5.63 -10.12
O5' A6A U 5 -3.49 -5.93 -9.17
C6' A6A U 5 -7.25 -7.67 -8.78
OP1 A6A U 5 -1.41 -5.54 -10.54
OP2 A6A U 5 -1.34 -6.86 -8.37
P A6A U 6 -5.68 -2.54 -7.57
N1 A6A U 6 -5.87 -5.26 0.76
C2 A6A U 6 -7.16 -4.86 0.79
N3 A6A U 6 -7.95 -4.45 -0.20
C4 A6A U 6 -7.29 -4.46 -1.38
C5 A6A U 6 -5.97 -4.84 -1.59
C6 A6A U 6 -5.24 -5.26 -0.45
N6 A6A U 6 -3.96 -5.63 -0.53
N7 A6A U 6 -5.64 -4.72 -2.92
C8 A6A U 6 -6.74 -4.28 -3.50
N9 A6A U 6 -7.76 -4.10 -2.62
C1' A6A U 6 -9.12 -3.63 -2.94
C2' A6A U 6 -9.13 -2.09 -2.95
O2' A6A U 6 -10.51 -1.68 -2.94
C3' A6A U 6 -8.51 -1.53 -4.18
O3' A6A U 6 -8.85 -0.18 -4.24
C4' A6A U 6 -9.01 -2.22 -5.48
O4' A6A U 6 -8.92 -3.64 -5.35
C5' A6A U 6 -8.13 -1.91 -6.69
O5' A6A U 6 -6.79 -2.32 -6.41
C6' A6A U 6 -9.70 -4.13 -4.26
OP1 A6A U 6 -5.68 -1.35 -8.46
OP2 A6A U 6 -4.44 -2.99 -6.97
P A6U U 7 -7.93 0.97 -3.65
N1 A6U U 7 -7.25 -1.16 1.48
C2 A6U U 7 -6.35 -1.44 2.50
O2 A6U U 7 -6.59 -1.27 3.68
N3 A6U U 7 -5.15 -1.95 2.06
C4 A6U U 7 -4.76 -2.17 0.74
O4 A6U U 7 -3.66 -2.63 0.46
C5 A6U U 7 -5.76 -1.85 -0.23
C6 A6U U 7 -6.94 -1.35 0.16
C1' A6U U 7 -8.57 -0.65 1.90
C2' A6U U 7 -8.59 0.86 2.13
O2' A6U U 7 -9.77 1.14 2.89
C3' A6U U 7 -8.66 1.60 0.81
O3' A6U U 7 -8.93 2.96 1.00
C4' A6U U 7 -9.69 1.00 -0.16
O4' A6U U 7 -9.57 -0.41 -0.31
C5' A6U U 7 -9.48 1.52 -1.56
O5' A6U U 7 -8.26 1.01 -2.07
C6' A6U U 7 -9.66 -1.07 0.95
OP1 A6U U 7 -8.40 2.21 -4.28
OP2 A6U U 7 -6.52 0.60 -3.76
P A6G U 8 -7.85 4.16 0.97
N1 A6G U 8 -1.41 0.07 5.22
C2 A6G U 8 -2.01 0.47 6.41
N2 A6G U 8 -1.31 0.30 7.54
N3 A6G U 8 -3.21 1.02 6.47
C4 A6G U 8 -3.78 1.13 5.26
C5 A6G U 8 -3.29 0.77 4.04
C6 A6G U 8 -2.00 0.18 3.97
O6 A6G U 8 -1.37 -0.21 2.98
N7 A6G U 8 -4.22 1.05 3.04
C8 A6G U 8 -5.23 1.58 3.66
N9 A6G U 8 -5.03 1.67 5.02
C1' A6G U 8 -5.96 2.20 6.02
C2' A6G U 8 -5.71 3.70 6.28
O2' A6G U 8 -6.43 4.10 7.45
C3' A6G U 8 -6.22 4.55 5.13
O3' A6G U 8 -6.18 5.92 5.43
C4' A6G U 8 -7.67 4.16 4.76
O4' A6G U 8 -7.79 2.76 4.54
C5' A6G U 8 -8.04 4.82 3.45
O5' A6G U 8 -7.26 4.23 2.43
C6' A6G U 8 -7.43 1.98 5.68
OP1 A6G U 8 -8.61 5.39 0.71
OP2 A6G U 8 -6.73 3.74 0.09
P A6C U 9 -5.02 6.91 4.95
N1 A6C U 9 -0.58 3.68 6.63
C2 A6C U 9 0.69 3.15 6.33
O2 A6C U 9 1.53 3.12 7.23
N3 A6C U 9 0.93 2.71 5.07
C4 A6C U 9 -0.02 2.79 4.14
N4 A6C U 9 0.24 2.34 2.90
C5 A6C U 9 -1.32 3.32 4.42
C6 A6C U 9 -1.55 3.75 5.66
C1' A6C U 9 -0.85 4.15 8.01
C2' A6C U 9 -0.49 5.63 8.26
O2' A6C U 9 -0.40 5.82 9.67
C3' A6C U 9 -1.57 6.50 7.69
O3' A6C U 9 -1.37 7.83 8.06
C4' A6C U 9 -2.98 6.09 8.15
O4' A6C U 9 -3.24 4.70 7.92
C5' A6C U 9 -4.01 6.82 7.33
O5' A6C U 9 -3.83 6.58 5.95
C6' A6C U 9 -2.25 3.85 8.52
OP1 A6C U 9 -5.52 8.28 5.22
OP2 A6C U 9 -4.55 6.51 3.60
P A6C U 10 -0.41 8.78 7.21
N1 A6C U 10 4.16 5.58 6.59
C2 A6C U 10 5.06 5.06 5.68
O2 A6C U 10 6.18 4.74 6.06
N3 A6C U 10 4.68 4.89 4.39
C4 A6C U 10 3.47 5.25 4.01
N4 A6C U 10 3.15 5.07 2.72
C5 A6C U 10 2.51 5.78 4.92
C6 A6C U 10 2.89 5.93 6.20
C1' A6C U 10 4.55 5.73 8.03
C2' A6C U 10 5.13 7.12 8.37
O2' A6C U 10 5.77 7.00 9.64
C3' A6C U 10 4.01 8.13 8.44
O3' A6C U 10 4.53 9.30 8.98
C4' A6C U 10 2.78 7.68 9.26
O4' A6C U 10 2.38 6.37 8.87
C5' A6C U 10 1.57 8.57 9.01
O5' A6C U 10 1.07 8.36 7.69
C6' A6C U 10 3.42 5.41 9.00
OP1 A6C U 10 -0.61 10.18 7.65
OP2 A6C U 10 -0.55 8.44 5.78
P PO4 U 11 5.20 10.40 8.07
O1 PO4 U 11 6.65 9.88 7.63
O2 PO4 U 11 5.30 11.53 9.00
O3 PO4 U 11 4.33 10.48 6.90
N1 A6C Y 1 -28.70 -107.58 -1.89
C2 A6C Y 1 -29.13 -107.63 -0.57
O2 A6C Y 1 -30.30 -107.33 -0.31
N3 A6C Y 1 -28.25 -108.02 0.39
C4 A6C Y 1 -26.99 -108.32 0.07
N4 A6C Y 1 -26.17 -108.68 1.05
C5 A6C Y 1 -26.52 -108.28 -1.28
C6 A6C Y 1 -27.41 -107.90 -2.21
C1' A6C Y 1 -29.64 -107.18 -2.98
C2' A6C Y 1 -29.87 -105.65 -3.14
O2' A6C Y 1 -31.07 -105.48 -3.92
C3' A6C Y 1 -28.73 -104.96 -3.87
O3' A6C Y 1 -29.05 -103.62 -4.20
C4' A6C Y 1 -28.27 -105.74 -5.12
O4' A6C Y 1 -28.08 -107.14 -4.85
C5' A6C Y 1 -26.96 -105.20 -5.67
O5' A6C Y 1 -25.87 -105.51 -4.82
C6' A6C Y 1 -29.25 -107.77 -4.32
P A6C Y 2 -28.51 -102.33 -3.38
N1 A6C Y 2 -30.42 -104.27 1.68
C2 A6C Y 2 -30.21 -104.60 3.04
O2 A6C Y 2 -31.13 -104.48 3.86
N3 A6C Y 2 -28.98 -105.05 3.40
C4 A6C Y 2 -28.00 -105.16 2.50
N4 A6C Y 2 -26.82 -105.60 2.95
C5 A6C Y 2 -28.20 -104.84 1.12
C6 A6C Y 2 -29.41 -104.40 0.76
C1' A6C Y 2 -31.76 -103.81 1.24
C2' A6C Y 2 -32.05 -102.30 1.27
O2' A6C Y 2 -33.47 -102.16 1.24
C3' A6C Y 2 -31.46 -101.57 0.09
O3' A6C Y 2 -31.87 -100.22 0.03
C4' A6C Y 2 -31.78 -102.28 -1.25
O4' A6C Y 2 -31.47 -103.67 -1.17
C5' A6C Y 2 -30.88 -101.78 -2.36
O5' A6C Y 2 -29.55 -102.23 -2.17
C6' A6C Y 2 -32.18 -104.35 -0.11
OP1 A6C Y 2 -28.63 -101.14 -4.23
OP2 A6C Y 2 -27.18 -102.72 -2.89
P A6G Y 3 -30.93 -99.01 0.53
N1 A6G Y 3 -26.79 -102.37 7.97
C2 A6G Y 3 -27.87 -101.87 8.67
N2 A6G Y 3 -27.74 -101.77 10.01
N3 A6G Y 3 -29.00 -101.48 8.12
C4 A6G Y 3 -29.00 -101.64 6.77
C5 A6G Y 3 -27.98 -102.13 5.99
C6 A6G Y 3 -26.77 -102.54 6.59
O6 A6G Y 3 -25.76 -103.02 6.02
N7 A6G Y 3 -28.37 -102.13 4.66
C8 A6G Y 3 -29.58 -101.66 4.66
N9 A6G Y 3 -30.02 -101.32 5.91
C1' A6G Y 3 -31.33 -100.78 6.25
C2' A6G Y 3 -31.30 -99.24 6.36
O2' A6G Y 3 -32.49 -98.86 7.08
C3' A6G Y 3 -31.31 -98.56 5.02
O3' A6G Y 3 -31.51 -97.18 5.18
C4' A6G Y 3 -32.44 -99.13 4.12
O4' A6G Y 3 -32.32 -100.55 4.01
C5' A6G Y 3 -32.34 -98.62 2.70
O5' A6G Y 3 -31.12 -99.05 2.11
C6' A6G Y 3 -32.42 -101.21 5.28
OP1 A6G Y 3 -31.39 -97.72 -0.01
OP2 A6G Y 3 -29.52 -99.39 0.29
P A6U Y 4 -30.41 -96.03 4.94
N1 A6U Y 4 -27.41 -98.44 9.07
C2 A6U Y 4 -26.24 -98.94 9.61
O2 A6U Y 4 -26.03 -98.95 10.81
N3 A6U Y 4 -25.33 -99.41 8.69
C4 A6U Y 4 -25.48 -99.43 7.33
O4 A6U Y 4 -24.58 -99.89 6.63
C5 A6U Y 4 -26.73 -98.91 6.84
C6 A6U Y 4 -27.63 -98.44 7.70
C1' A6U Y 4 -28.43 -97.93 10.02
C2' A6U Y 4 -28.20 -96.44 10.34
O2' A6U Y 4 -28.99 -96.14 11.50
C3' A6U Y 4 -28.64 -95.53 9.22
O3' A6U Y 4 -28.61 -94.18 9.60
C4' A6U Y 4 -30.06 -95.90 8.73
O4' A6U Y 4 -30.15 -97.30 8.43
C5' A6U Y 4 -30.41 -95.21 7.43
O5' A6U Y 4 -29.70 -95.83 6.36
C6' A6U Y 4 -29.87 -98.12 9.56
OP1 A6U Y 4 -31.17 -94.79 4.64
OP2 A6U Y 4 -29.39 -96.49 3.98
P A6A Y 5 -27.45 -93.15 9.20
N1 A6A Y 5 -20.11 -97.87 9.17
C2 A6A Y 5 -20.07 -97.72 10.50
N3 A6A Y 5 -21.04 -97.29 11.34
C4 A6A Y 5 -22.15 -97.00 10.64
C5 A6A Y 5 -22.34 -97.12 9.27
C6 A6A Y 5 -21.25 -97.57 8.51
N6 A6A Y 5 -21.31 -97.71 7.19
N7 A6A Y 5 -23.62 -96.71 8.92
C8 A6A Y 5 -24.18 -96.39 10.06
N9 A6A Y 5 -23.34 -96.55 11.14
C1' A6A Y 5 -23.66 -96.27 12.54
C2' A6A Y 5 -23.20 -94.83 12.82
O2' A6A Y 5 -23.07 -94.62 14.24
C3' A6A Y 5 -24.13 -93.80 12.25
O3' A6A Y 5 -23.86 -92.55 12.81
C4' A6A Y 5 -25.62 -94.11 12.51
O4' A6A Y 5 -25.93 -95.47 12.18
C5' A6A Y 5 -26.54 -93.25 11.65
O5' A6A Y 5 -26.29 -93.40 10.28
C6' A6A Y 5 -25.12 -96.40 12.89
OP1 A6A Y 5 -28.04 -91.81 9.41
OP2 A6A Y 5 -26.92 -93.52 7.89
P A6A Y 6 -22.93 -91.49 12.07
N1 A6A Y 6 -16.74 -96.07 7.76
C2 A6A Y 6 -16.08 -96.15 8.92
N3 A6A Y 6 -16.44 -95.79 10.16
C4 A6A Y 6 -17.66 -95.22 10.13
C5 A6A Y 6 -18.47 -95.07 9.02
C6 A6A Y 6 -17.97 -95.51 7.78
N6 A6A Y 6 -18.65 -95.40 6.63
N7 A6A Y 6 -19.66 -94.46 9.37
C8 A6A Y 6 -19.57 -94.27 10.67
N9 A6A Y 6 -18.38 -94.72 11.20
C1' A6A Y 6 -17.97 -94.66 12.61
C2' A6A Y 6 -17.45 -93.24 12.94
O2' A6A Y 6 -16.76 -93.32 14.19
C3' A6A Y 6 -18.61 -92.27 13.09
O3' A6A Y 6 -18.13 -91.04 13.60
C4' A6A Y 6 -19.76 -92.78 13.99
O4' A6A Y 6 -20.16 -94.09 13.58
C5' A6A Y 6 -21.00 -91.90 13.84
O5' A6A Y 6 -21.42 -91.86 12.49
C6' A6A Y 6 -19.06 -95.03 13.60
OP1 A6A Y 6 -23.24 -90.15 12.59
OP2 A6A Y 6 -23.08 -91.70 10.62
P A6U Y 7 -17.80 -89.79 12.65
N1 A6U Y 7 -14.35 -92.64 9.36
C2 A6U Y 7 -14.02 -93.07 8.11
O2 A6U Y 7 -12.92 -93.49 7.80
N3 A6U Y 7 -15.04 -93.03 7.20
C4 A6U Y 7 -16.33 -92.59 7.41
O4 A6U Y 7 -17.14 -92.61 6.51
C5 A6U Y 7 -16.58 -92.15 8.75
C6 A6U Y 7 -15.62 -92.19 9.65
C1' A6U Y 7 -13.31 -92.65 10.41
C2' A6U Y 7 -12.61 -91.26 10.44
O2' A6U Y 7 -11.39 -91.42 11.17
C3' A6U Y 7 -13.41 -90.16 11.11
O3' A6U Y 7 -12.61 -89.02 11.35
C4' A6U Y 7 -14.07 -90.64 12.42
O4' A6U Y 7 -14.67 -91.94 12.30
C5' A6U Y 7 -15.22 -89.76 12.84
O5' A6U Y 7 -16.36 -90.06 12.06
C6' A6U Y 7 -13.81 -92.97 11.80
OP1 A6U Y 7 -17.77 -88.60 13.55
OP2 A6U Y 7 -18.76 -89.81 11.53
P A6G Y 8 -12.45 -87.83 10.29
N1 A6G Y 8 -13.35 -91.01 1.99
C2 A6G Y 8 -12.02 -91.32 1.99
N2 A6G Y 8 -11.46 -91.64 0.81
N3 A6G Y 8 -11.26 -91.33 3.08
C4 A6G Y 8 -11.93 -90.99 4.20
C5 A6G Y 8 -13.24 -90.66 4.31
C6 A6G Y 8 -14.05 -90.66 3.14
O6 A6G Y 8 -15.26 -90.41 3.05
N7 A6G Y 8 -13.57 -90.38 5.62
C8 A6G Y 8 -12.45 -90.53 6.29
N9 A6G Y 8 -11.41 -90.91 5.47
C1' A6G Y 8 -10.03 -91.18 5.87
C2' A6G Y 8 -9.26 -89.84 5.81
O2' A6G Y 8 -7.88 -90.17 5.94
C3' A6G Y 8 -9.64 -88.93 6.94
O3' A6G Y 8 -8.78 -87.83 6.99
C4' A6G Y 8 -9.59 -89.64 8.31
O4' A6G Y 8 -10.36 -90.86 8.27
C5' A6G Y 8 -10.18 -88.79 9.41
O5' A6G Y 8 -11.53 -88.45 9.13
C6' A6G Y 8 -9.90 -91.77 7.26
OP1 A6G Y 8 -11.68 -86.77 11.00
OP2 A6G Y 8 -13.78 -87.50 9.78
P A6C Y 9 -9.04 -86.40 6.34
N1 A6C Y 9 -10.98 -88.11 1.26
C2 A6C Y 9 -11.93 -88.01 0.23
O2 A6C Y 9 -11.56 -88.09 -0.95
N3 A6C Y 9 -13.23 -87.82 0.55
C4 A6C Y 9 -13.61 -87.72 1.83
N4 A6C Y 9 -14.92 -87.53 2.11
C5 A6C Y 9 -12.65 -87.81 2.87
C6 A6C Y 9 -11.36 -87.99 2.58
C1' A6C Y 9 -9.59 -88.34 0.83
C2' A6C Y 9 -8.82 -87.06 0.50
O2' A6C Y 9 -7.64 -87.41 -0.23
C3' A6C Y 9 -8.42 -86.36 1.78
O3' A6C Y 9 -7.65 -85.22 1.52
C4' A6C Y 9 -7.70 -87.31 2.75
O4' A6C Y 9 -8.45 -88.50 2.98
C5' A6C Y 9 -7.54 -86.73 4.14
O5' A6C Y 9 -8.82 -86.59 4.75
C6' A6C Y 9 -8.78 -89.19 1.78
OP1 A6C Y 9 -8.02 -85.47 6.87
OP2 A6C Y 9 -10.42 -85.91 6.46
P A6C Y 10 -8.20 -83.70 1.47
N1 A6C Y 10 -11.99 -84.79 -2.60
C2 A6C Y 10 -13.32 -84.91 -3.08
O2 A6C Y 10 -13.53 -85.00 -4.30
N3 A6C Y 10 -14.35 -84.91 -2.19
C4 A6C Y 10 -14.08 -84.79 -0.90
N4 A6C Y 10 -15.11 -84.78 -0.06
C5 A6C Y 10 -12.74 -84.67 -0.43
C6 A6C Y 10 -11.73 -84.67 -1.29
C1' A6C Y 10 -10.86 -84.78 -3.58
C2' A6C Y 10 -10.35 -83.36 -3.95
O2' A6C Y 10 -9.55 -83.46 -5.13
C3' A6C Y 10 -9.49 -82.81 -2.84
O3' A6C Y 10 -8.92 -81.58 -3.14
C4' A6C Y 10 -8.36 -83.74 -2.42
O4' A6C Y 10 -8.84 -85.06 -2.18
C5' A6C Y 10 -7.74 -83.28 -1.11
O5' A6C Y 10 -8.66 -83.51 -0.06
C6' A6C Y 10 -9.67 -85.64 -3.19
OP1 A6C Y 10 -7.01 -82.86 1.69
OP2 A6C Y 10 -9.42 -83.56 2.31
P PO4 Y 11 -9.72 -80.28 -2.72
O1 PO4 Y 11 -10.96 -80.42 -3.71
O2 PO4 Y 11 -8.77 -79.19 -2.98
O3 PO4 Y 11 -10.37 -80.40 -1.40
N1 A6C Z 1 -15.00 -81.40 -4.28
C2 A6C Z 1 -16.37 -81.44 -3.99
O2 A6C Z 1 -17.21 -81.38 -4.91
N3 A6C Z 1 -16.75 -81.55 -2.69
C4 A6C Z 1 -15.82 -81.61 -1.71
N4 A6C Z 1 -16.22 -81.72 -0.44
C5 A6C Z 1 -14.43 -81.57 -2.00
C6 A6C Z 1 -14.08 -81.47 -3.29
C1' A6C Z 1 -14.54 -81.29 -5.70
C2' A6C Z 1 -14.33 -79.82 -6.10
O2' A6C Z 1 -14.28 -79.71 -7.53
C3' A6C Z 1 -13.07 -79.28 -5.50
O3' A6C Z 1 -12.79 -78.04 -6.04
C4' A6C Z 1 -11.85 -80.20 -5.67
O4' A6C Z 1 -12.15 -81.52 -5.22
C5' A6C Z 1 -10.69 -79.75 -4.78
O5' A6C Z 1 -10.73 -80.28 -3.46
C6' A6C Z 1 -13.27 -82.07 -5.93
P A6C Z 2 -13.39 -76.79 -5.30
N1 A6C Z 2 -18.73 -77.97 -4.65
C2 A6C Z 2 -19.77 -77.84 -3.73
O2 A6C Z 2 -20.88 -77.59 -4.16
N3 A6C Z 2 -19.51 -78.01 -2.41
C4 A6C Z 2 -18.26 -78.27 -2.04
N4 A6C Z 2 -18.05 -78.43 -0.73
C5 A6C Z 2 -17.16 -78.40 -2.94
C6 A6C Z 2 -17.46 -78.25 -4.23
C1' A6C Z 2 -19.06 -77.79 -6.11
C2' A6C Z 2 -19.04 -76.34 -6.62
O2' A6C Z 2 -19.73 -76.35 -7.88
C3' A6C Z 2 -17.61 -75.84 -6.73
O3' A6C Z 2 -17.56 -74.55 -7.28
C4' A6C Z 2 -16.71 -76.80 -7.54
O4' A6C Z 2 -16.91 -78.15 -7.14
C5' A6C Z 2 -15.22 -76.54 -7.29
O5' A6C Z 2 -14.89 -76.67 -5.90
C6' A6C Z 2 -18.25 -78.63 -7.07
OP1 A6C Z 2 -12.62 -75.61 -5.77
OP2 A6C Z 2 -13.59 -77.10 -3.85
P A6G Z 3 -17.23 -73.28 -6.40
N1 A6G Z 3 -21.96 -74.65 0.70
C2 A6G Z 3 -23.08 -74.31 0.02
N2 A6G Z 3 -24.23 -74.19 0.70
N3 A6G Z 3 -23.10 -74.08 -1.27
C4 A6G Z 3 -21.89 -74.23 -1.87
C5 A6G Z 3 -20.71 -74.59 -1.24
C6 A6G Z 3 -20.69 -74.84 0.14
O6 A6G Z 3 -19.71 -75.17 0.83
N7 A6G Z 3 -19.68 -74.64 -2.18
C8 A6G Z 3 -20.23 -74.34 -3.33
N9 A6G Z 3 -21.58 -74.08 -3.21
C1' A6G Z 3 -22.56 -73.70 -4.24
C2' A6G Z 3 -22.58 -72.17 -4.32
O2' A6G Z 3 -23.69 -71.76 -5.11
C3' A6G Z 3 -21.30 -71.68 -4.97
O3' A6G Z 3 -21.41 -70.33 -5.27
C4' A6G Z 3 -21.00 -72.40 -6.29
O4' A6G Z 3 -21.11 -73.83 -6.19
C5' A6G Z 3 -19.58 -72.14 -6.78
O5' A6G Z 3 -18.66 -72.76 -5.91
C6' A6G Z 3 -22.37 -74.24 -5.65
OP1 A6G Z 3 -16.60 -72.31 -7.28
OP2 A6G Z 3 -16.57 -73.69 -5.13
P A6U Z 4 -20.86 -69.22 -4.31
N1 A6U Z 4 -22.90 -70.89 0.59
C2 A6U Z 4 -22.60 -71.08 1.92
O2 A6U Z 4 -23.43 -70.93 2.82
N3 A6U Z 4 -21.33 -71.48 2.21
C4 A6U Z 4 -20.30 -71.70 1.30
O4 A6U Z 4 -19.18 -72.06 1.71
C5 A6U Z 4 -20.67 -71.49 -0.07
C6 A6U Z 4 -21.92 -71.09 -0.38
C1' A6U Z 4 -24.27 -70.48 0.22
C2' A6U Z 4 -24.40 -68.94 0.26
O2' A6U Z 4 -25.80 -68.63 0.19
C3' A6U Z 4 -23.67 -68.30 -0.91
O3' A6U Z 4 -23.96 -66.93 -0.96
C4' A6U Z 4 -24.13 -68.94 -2.25
O4' A6U Z 4 -24.05 -70.37 -2.21
C5' A6U Z 4 -23.28 -68.56 -3.44
O5' A6U Z 4 -21.96 -69.01 -3.19
C6' A6U Z 4 -24.72 -71.01 -1.13
OP1 A6U Z 4 -20.67 -68.04 -5.14
OP2 A6U Z 4 -19.69 -69.72 -3.56
P A6A Z 5 -23.03 -65.79 -0.37
N1 A6A Z 5 -19.39 -69.11 7.01
C2 A6A Z 5 -20.51 -68.75 7.59
N3 A6A Z 5 -21.65 -68.32 7.05
C4 A6A Z 5 -21.53 -68.25 5.72
C5 A6A Z 5 -20.42 -68.60 4.96
C6 A6A Z 5 -19.27 -69.05 5.67
N6 A6A Z 5 -18.11 -69.40 5.12
N7 A6A Z 5 -20.79 -68.38 3.64
C8 A6A Z 5 -22.02 -67.94 3.65
N9 A6A Z 5 -22.54 -67.87 4.90
C1' A6A Z 5 -23.88 -67.43 5.27
C2' A6A Z 5 -23.82 -65.90 5.37
O2' A6A Z 5 -25.03 -65.56 6.04
C3' A6A Z 5 -23.77 -65.23 4.01
O3' A6A Z 5 -23.99 -63.85 4.09
C4' A6A Z 5 -24.87 -65.77 3.06
O4' A6A Z 5 -24.85 -67.20 3.07
C5' A6A Z 5 -24.71 -65.41 1.60
O5' A6A Z 5 -23.39 -65.70 1.18
C6' A6A Z 5 -24.99 -67.85 4.33
OP1 A6A Z 5 -23.60 -64.61 -1.02
OP2 A6A Z 5 -21.59 -65.93 -0.58
P A6A Z 6 -22.91 -62.67 4.08
N1 A6A Z 6 -16.40 -66.72 8.20
C2 A6A Z 6 -17.01 -66.44 9.35
N3 A6A Z 6 -18.22 -65.94 9.52
C4 A6A Z 6 -18.83 -65.70 8.35
C5 A6A Z 6 -18.32 -65.94 7.10
C6 A6A Z 6 -17.02 -66.47 7.05
N6 A6A Z 6 -16.33 -66.78 5.94
N7 A6A Z 6 -19.23 -65.58 6.15
C8 A6A Z 6 -20.26 -65.11 6.77
N9 A6A Z 6 -20.09 -65.19 8.13
C1' A6A Z 6 -21.03 -64.75 9.17
C2' A6A Z 6 -20.81 -63.25 9.43
O2' A6A Z 6 -21.63 -62.93 10.55
C3' A6A Z 6 -21.30 -62.36 8.30
O3' A6A Z 6 -21.20 -60.98 8.59
C4' A6A Z 6 -22.76 -62.71 7.97
O4' A6A Z 6 -22.92 -64.12 7.79
C5' A6A Z 6 -23.22 -62.10 6.65
O5' A6A Z 6 -22.44 -62.67 5.61
C6' A6A Z 6 -22.50 -64.94 8.89
OP1 A6A Z 6 -23.71 -61.48 3.73
OP2 A6A Z 6 -21.68 -63.01 3.31
P A6U Z 7 -19.91 -60.11 8.20
N1 A6U Z 7 -15.62 -63.27 9.89
C2 A6U Z 7 -14.37 -63.77 9.55
O2 A6U Z 7 -13.46 -63.99 10.32
N3 A6U Z 7 -14.21 -64.05 8.23
C4 A6U Z 7 -15.12 -63.83 7.22
O4 A6U Z 7 -14.83 -64.11 6.08
C5 A6U Z 7 -16.37 -63.32 7.62
C6 A6U Z 7 -16.59 -63.06 8.92
C1' A6U Z 7 -15.92 -62.99 11.31
C2' A6U Z 7 -15.55 -61.56 11.70
O2' A6U Z 7 -15.59 -61.51 13.13
C3' A6U Z 7 -16.57 -60.59 11.19
O3' A6U Z 7 -16.26 -59.31 11.66
C4' A6U Z 7 -18.02 -60.92 11.60
O4' A6U Z 7 -18.35 -62.30 11.37
C5' A6U Z 7 -19.02 -60.16 10.75
O5' A6U Z 7 -18.84 -60.43 9.36
C6' A6U Z 7 -17.36 -63.27 11.73
OP1 A6U Z 7 -20.39 -58.72 8.43
OP2 A6U Z 7 -19.25 -60.44 6.93
P A6G Z 8 -15.31 -58.27 10.92
N1 A6G Z 8 -8.90 -62.69 6.82
C2 A6G Z 8 -8.21 -62.69 8.00
N2 A6G Z 8 -6.93 -63.13 8.02
N3 A6G Z 8 -8.77 -62.27 9.12
C4 A6G Z 8 -10.03 -61.87 8.93
C5 A6G Z 8 -10.80 -61.82 7.80
C6 A6G Z 8 -10.23 -62.27 6.61
O6 A6G Z 8 -10.80 -62.29 5.52
N7 A6G Z 8 -12.06 -61.33 8.07
C8 A6G Z 8 -12.06 -61.08 9.35
N9 A6G Z 8 -10.85 -61.39 9.92
C1' A6G Z 8 -10.44 -61.28 11.30
C2' A6G Z 8 -9.88 -59.90 11.61
O2' A6G Z 8 -9.26 -60.16 12.85
C3' A6G Z 8 -10.98 -58.87 11.76
O3' A6G Z 8 -10.40 -57.69 12.18
C4' A6G Z 8 -12.06 -59.27 12.77
O4' A6G Z 8 -12.52 -60.53 12.35
C5' A6G Z 8 -13.31 -58.44 12.65
O5' A6G Z 8 -13.87 -58.71 11.39
C6' A6G Z 8 -11.51 -61.54 12.34
OP1 A6G Z 8 -15.60 -56.90 11.40
OP2 A6G Z 8 -15.31 -58.58 9.47
P A6C Z 9 -10.18 -56.34 11.36
N1 A6C Z 9 -6.88 -59.28 8.16
C2 A6C Z 9 -6.53 -59.64 6.85
O2 A6C Z 9 -5.32 -59.84 6.61
N3 A6C Z 9 -7.50 -59.70 5.92
C4 A6C Z 9 -8.78 -59.48 6.22
N4 A6C Z 9 -9.66 -59.59 5.22
C5 A6C Z 9 -9.15 -59.11 7.55
C6 A6C Z 9 -8.19 -59.02 8.50
C1' A6C Z 9 -5.76 -59.19 9.17
C2' A6C Z 9 -4.99 -57.86 9.28
O2' A6C Z 9 -3.88 -58.04 10.16
C3' A6C Z 9 -5.88 -56.80 9.90
O3' A6C Z 9 -5.17 -55.60 10.10
C4' A6C Z 9 -6.49 -57.26 11.25
O4' A6C Z 9 -7.05 -58.58 11.18
C5' A6C Z 9 -7.60 -56.35 11.68
O5' A6C Z 9 -8.70 -56.47 10.80
C6' A6C Z 9 -6.21 -59.56 10.58
OP1 A6C Z 9 -10.25 -55.22 12.32
OP2 A6C Z 9 -11.10 -56.33 10.21
P A6C Z 10 -5.14 -54.39 9.03
N1 A6C Z 10 -4.17 -57.20 4.32
C2 A6C Z 10 -4.56 -57.40 3.00
O2 A6C Z 10 -3.68 -57.73 2.18
N3 A6C Z 10 -5.87 -57.21 2.67
C4 A6C Z 10 -6.78 -56.83 3.56
N4 A6C Z 10 -8.06 -56.65 3.18
C5 A6C Z 10 -6.39 -56.63 4.91
C6 A6C Z 10 -5.10 -56.82 5.25
C1' A6C Z 10 -2.74 -57.42 4.69
C2' A6C Z 10 -1.87 -56.16 4.55
O2' A6C Z 10 -0.48 -56.52 4.55
C3' A6C Z 10 -2.08 -55.20 5.71
O3' A6C Z 10 -1.08 -54.21 5.80
C4' A6C Z 10 -2.08 -55.90 7.08
O4' A6C Z 10 -2.81 -57.12 7.12
C5' A6C Z 10 -2.77 -55.06 8.12
O5' A6C Z 10 -4.16 -54.99 7.89
C6' A6C Z 10 -2.52 -58.05 6.06
OP1 A6C Z 10 -4.54 -53.22 9.72
OP2 A6C Z 10 -6.51 -54.32 8.51
P PO4 Z 11 -1.18 -52.73 5.23
O1 PO4 Z 11 -1.02 -53.16 3.68
O2 PO4 Z 11 -0.03 -51.92 5.71
O3 PO4 Z 11 -2.55 -52.31 5.54
N1 A6C AA 1 -3.91 -55.11 -0.20
C2 A6C AA 1 -4.85 -55.05 -1.23
O2 A6C AA 1 -4.47 -55.11 -2.41
N3 A6C AA 1 -6.15 -54.87 -0.90
C4 A6C AA 1 -6.50 -54.78 0.39
N4 A6C AA 1 -7.81 -54.62 0.63
C5 A6C AA 1 -5.55 -54.86 1.45
C6 A6C AA 1 -4.26 -55.04 1.12
C1' A6C AA 1 -2.50 -55.32 -0.54
C2' A6C AA 1 -1.73 -54.06 -0.95
O2' A6C AA 1 -0.52 -54.47 -1.60
C3' A6C AA 1 -1.43 -53.23 0.26
O3' A6C AA 1 -0.59 -52.16 -0.02
C4' A6C AA 1 -0.69 -54.01 1.33
O4' A6C AA 1 -1.42 -55.19 1.70
C5' A6C AA 1 -0.61 -53.06 2.49
O5' A6C AA 1 -0.16 -53.71 3.64
C6' A6C AA 1 -1.78 -56.04 0.60
P A6C AA 2 -1.11 -50.67 0.12
N1 A6C AA 2 -4.93 -51.87 -3.85
C2 A6C AA 2 -6.24 -51.78 -4.31
O2 A6C AA 2 -6.43 -51.74 -5.55
N3 A6C AA 2 -7.25 -51.73 -3.39
C4 A6C AA 2 -6.94 -51.76 -2.10
N4 A6C AA 2 -7.94 -51.71 -1.21
C5 A6C AA 2 -5.61 -51.85 -1.62
C6 A6C AA 2 -4.64 -51.89 -2.53
C1' A6C AA 2 -3.83 -51.90 -4.84
C2' A6C AA 2 -3.29 -50.51 -5.21
O2' A6C AA 2 -2.51 -50.73 -6.37
C3' A6C AA 2 -2.44 -49.94 -4.09
O3' A6C AA 2 -1.92 -48.65 -4.39
C4' A6C AA 2 -1.32 -50.93 -3.71
O4' A6C AA 2 -1.81 -52.26 -3.43
C5' A6C AA 2 -0.61 -50.54 -2.42
O5' A6C AA 2 -1.55 -50.37 -1.38
C6' A6C AA 2 -2.69 -52.82 -4.43
OP1 A6C AA 2 0.07 -49.83 0.33
OP2 A6C AA 2 -2.28 -50.53 1.02
P A6G AA 3 -2.79 -47.30 -4.31
N1 A6G AA 3 -11.26 -48.15 -4.30
C2 A6G AA 3 -11.30 -48.01 -5.67
N2 A6G AA 3 -12.49 -47.76 -6.24
N3 A6G AA 3 -10.23 -48.10 -6.45
C4 A6G AA 3 -9.11 -48.36 -5.72
C5 A6G AA 3 -8.97 -48.51 -4.36
C6 A6G AA 3 -10.10 -48.41 -3.54
O6 A6G AA 3 -10.15 -48.53 -2.32
N7 A6G AA 3 -7.65 -48.76 -4.01
C8 A6G AA 3 -7.03 -48.74 -5.15
N9 A6G AA 3 -7.85 -48.50 -6.23
C1' A6G AA 3 -7.51 -48.43 -7.64
C2' A6G AA 3 -7.21 -46.99 -8.11
O2' A6G AA 3 -7.22 -47.01 -9.55
C3' A6G AA 3 -5.85 -46.49 -7.65
O3' A6G AA 3 -5.44 -45.33 -8.34
C4' A6G AA 3 -4.72 -47.55 -7.77
O4' A6G AA 3 -5.13 -48.87 -7.43
C5' A6G AA 3 -3.56 -47.22 -6.82
O5' A6G AA 3 -3.87 -47.55 -5.49
C6' A6G AA 3 -6.35 -49.30 -8.06
OP1 A6G AA 3 -1.92 -46.17 -4.65
OP2 A6G AA 3 -3.53 -47.24 -3.05
P A6U AA 4 -5.80 -43.86 -7.81
N1 A6U AA 4 -11.36 -44.51 -6.24
C2 A6U AA 4 -12.41 -44.51 -5.34
O2 A6U AA 4 -13.53 -44.31 -5.71
N3 A6U AA 4 -12.09 -44.74 -4.02
C4 A6U AA 4 -10.83 -44.95 -3.51
O4 A6U AA 4 -10.67 -45.14 -2.29
C5 A6U AA 4 -9.78 -44.96 -4.50
C6 A6U AA 4 -10.07 -44.75 -5.81
C1' A6U AA 4 -11.67 -44.30 -7.69
C2' A6U AA 4 -11.54 -42.83 -8.13
O2' A6U AA 4 -12.23 -42.68 -9.39
C3' A6U AA 4 -10.08 -42.45 -8.34
O3' A6U AA 4 -9.89 -41.14 -8.82
C4' A6U AA 4 -9.39 -43.45 -9.26
O4' A6U AA 4 -9.52 -44.77 -8.70
C5' A6U AA 4 -7.89 -43.20 -9.28
O5' A6U AA 4 -7.36 -43.73 -8.08
C6' A6U AA 4 -10.87 -45.21 -8.59
OP1 A6U AA 4 -5.02 -42.84 -8.56
OP2 A6U AA 4 -5.59 -43.82 -6.33
P A6A AA 5 -9.63 -39.83 -7.93
N1 A6A AA 5 -14.48 -41.54 -0.90
C2 A6A AA 5 -15.53 -41.15 -1.61
N3 A6A AA 5 -15.63 -40.84 -2.89
C4 A6A AA 5 -14.43 -40.98 -3.49
C5 A6A AA 5 -13.26 -41.37 -2.88
C6 A6A AA 5 -13.29 -41.65 -1.52
N6 A6A AA 5 -12.22 -42.05 -0.81
N7 A6A AA 5 -12.22 -41.39 -3.81
C8 A6A AA 5 -12.80 -41.02 -4.92
N9 A6A AA 5 -14.14 -40.77 -4.81
C1' A6A AA 5 -15.09 -40.29 -5.83
C2' A6A AA 5 -14.96 -38.75 -5.94
O2' A6A AA 5 -16.02 -38.25 -6.75
C3' A6A AA 5 -13.69 -38.31 -6.62
O3' A6A AA 5 -13.76 -36.94 -6.92
C4' A6A AA 5 -13.44 -39.09 -7.94
O4' A6A AA 5 -13.63 -40.49 -7.77
C5' A6A AA 5 -12.04 -38.93 -8.53
O5' A6A AA 5 -11.07 -39.27 -7.56
C6' A6A AA 5 -14.90 -40.84 -7.23
OP1 A6A AA 5 -8.94 -38.89 -8.84
OP2 A6A AA 5 -8.98 -40.20 -6.67
P A6A AA 6 -13.22 -35.79 -5.96
N1 A6A AA 6 -13.61 -38.66 2.28
C2 A6A AA 6 -14.87 -38.23 2.34
N3 A6A AA 6 -15.64 -37.79 1.34
C4 A6A AA 6 -14.97 -37.81 0.18
C5 A6A AA 6 -13.68 -38.23 -0.03
C6 A6A AA 6 -12.96 -38.66 1.09
N6 A6A AA 6 -11.69 -39.09 1.01
N7 A6A AA 6 -13.31 -38.10 -1.36
C8 A6A AA 6 -14.38 -37.64 -1.93
N9 A6A AA 6 -15.43 -37.42 -1.06
C1' A6A AA 6 -16.77 -36.92 -1.40
C2' A6A AA 6 -16.81 -35.39 -1.42
O2' A6A AA 6 -18.18 -34.97 -1.46
C3' A6A AA 6 -16.13 -34.79 -2.63
O3' A6A AA 6 -16.44 -33.43 -2.67
C4' A6A AA 6 -16.59 -35.47 -3.94
O4' A6A AA 6 -16.57 -36.90 -3.85
C5' A6A AA 6 -15.67 -35.14 -5.10
O5' A6A AA 6 -14.35 -35.64 -4.85
C6' A6A AA 6 -17.32 -37.40 -2.73
OP1 A6A AA 6 -13.20 -34.60 -6.79
OP2 A6A AA 6 -11.99 -36.28 -5.34
P A6U AA 7 -15.52 -32.30 -2.05
N1 A6U AA 7 -14.90 -34.60 3.13
C2 A6U AA 7 -14.05 -34.93 4.15
O2 A6U AA 7 -14.32 -34.77 5.33
N3 A6U AA 7 -12.86 -35.48 3.74
C4 A6U AA 7 -12.43 -35.70 2.45
O4 A6U AA 7 -11.32 -36.20 2.26
C5 A6U AA 7 -13.39 -35.31 1.44
C6 A6U AA 7 -14.57 -34.79 1.81
C1' A6U AA 7 -16.22 -34.03 3.48
C2' A6U AA 7 -16.20 -32.52 3.71
O2' A6U AA 7 -17.38 -32.24 4.47
C3' A6U AA 7 -16.23 -31.74 2.41
O3' A6U AA 7 -16.50 -30.39 2.66
C4' A6U AA 7 -17.30 -32.30 1.44
O4' A6U AA 7 -17.23 -33.71 1.28
C5' A6U AA 7 -17.08 -31.81 0.02
O5' A6U AA 7 -15.82 -32.24 -0.48
C6' A6U AA 7 -17.33 -34.41 2.52
OP1 A6U AA 7 -15.96 -31.04 -2.68
OP2 A6U AA 7 -14.12 -32.74 -2.19
P A6G AA 8 -15.38 -29.24 2.62
N1 A6G AA 8 -9.12 -33.58 6.90
C2 A6G AA 8 -9.69 -33.17 8.09
N2 A6G AA 8 -9.00 -33.37 9.22
N3 A6G AA 8 -10.89 -32.59 8.14
C4 A6G AA 8 -11.45 -32.46 6.92
C5 A6G AA 8 -10.96 -32.83 5.69
C6 A6G AA 8 -9.69 -33.47 5.63
O6 A6G AA 8 -9.05 -33.89 4.66
N7 A6G AA 8 -11.87 -32.51 4.68
C8 A6G AA 8 -12.87 -31.97 5.32
N9 A6G AA 8 -12.69 -31.88 6.67
C1' A6G AA 8 -13.61 -31.33 7.68
C2' A6G AA 8 -13.31 -29.84 7.96
O2' A6G AA 8 -14.02 -29.45 9.14
C3' A6G AA 8 -13.80 -28.96 6.84
O3' A6G AA 8 -13.74 -27.61 7.22
C4' A6G AA 8 -15.25 -29.27 6.43
O4' A6G AA 8 -15.40 -30.66 6.19
C5' A6G AA 8 -15.58 -28.58 5.13
O5' A6G AA 8 -14.81 -29.17 4.10
C6' A6G AA 8 -15.07 -31.46 7.33
OP1 A6G AA 8 -16.04 -27.97 2.29
OP2 A6G AA 8 -14.24 -29.70 1.79
P A6C AA 9 -12.56 -26.63 6.76
N1 A6C AA 9 -8.21 -30.01 8.39
C2 A6C AA 9 -6.95 -30.55 8.11
O2 A6C AA 9 -6.12 -30.63 9.03
N3 A6C AA 9 -6.68 -30.99 6.85
C4 A6C AA 9 -7.61 -30.88 5.90
N4 A6C AA 9 -7.29 -31.32 4.67
C5 A6C AA 9 -8.88 -30.31 6.16
C6 A6C AA 9 -9.14 -29.89 7.41
C1' A6C AA 9 -8.49 -29.55 9.76
C2' A6C AA 9 -8.10 -28.09 10.03
O2' A6C AA 9 -8.04 -27.91 11.45
C3' A6C AA 9 -9.13 -27.13 9.50
O3' A6C AA 9 -8.85 -25.82 9.90
C4' A6C AA 9 -10.55 -27.52 9.94
O4' A6C AA 9 -10.85 -28.89 9.65
C5' A6C AA 9 -11.57 -26.76 9.14
O5' A6C AA 9 -11.39 -27.01 7.77
C6' A6C AA 9 -9.91 -29.81 10.23
OP1 A6C AA 9 -13.03 -25.24 7.02
OP2 A6C AA 9 -12.11 -27.06 5.44
P A6C AA 10 -7.86 -24.88 9.08
N1 A6C AA 10 -3.42 -28.19 8.45
C2 A6C AA 10 -2.50 -28.73 7.55
O2 A6C AA 10 -1.39 -29.09 7.93
N3 A6C AA 10 -2.85 -28.87 6.25
C4 A6C AA 10 -4.07 -28.46 5.86
N4 A6C AA 10 -4.37 -28.60 4.57
C5 A6C AA 10 -5.02 -27.89 6.75
C6 A6C AA 10 -4.66 -27.77 8.03
C1' A6C AA 10 -3.05 -28.05 9.89
C2' A6C AA 10 -2.46 -26.69 10.24
O2' A6C AA 10 -1.81 -26.80 11.51
C3' A6C AA 10 -3.56 -25.66 10.31
O3' A6C AA 10 -3.07 -24.39 10.69
C4' A6C AA 10 -4.78 -26.10 11.15
O4' A6C AA 10 -5.23 -27.42 10.79
C5' A6C AA 10 -5.98 -25.20 10.93
O5' A6C AA 10 -6.40 -25.30 9.58
C6' A6C AA 10 -4.19 -28.39 10.85
OP1 A6C AA 10 -8.11 -23.48 9.51
OP2 A6C AA 10 -7.94 -25.26 7.66
P PO4 AA 11 -2.96 -23.30 9.51
O1 PO4 AA 11 -1.45 -23.46 8.94
O2 PO4 AA 11 -3.19 -21.94 10.09
O3 PO4 AA 11 -3.75 -23.72 8.34
#